data_3IVK
#
_entry.id   3IVK
#
_cell.length_a   207.499
_cell.length_b   206.452
_cell.length_c   135.926
_cell.angle_alpha   90.000
_cell.angle_beta   90.000
_cell.angle_gamma   90.000
#
_symmetry.space_group_name_H-M   'C 2 2 21'
#
loop_
_entity.id
_entity.type
_entity.pdbx_description
1 polymer 'Fab light chain'
2 polymer 'Fab heavy chain'
3 polymer 'class I ligase product'
4 non-polymer 'CADMIUM ION'
5 non-polymer 'MAGNESIUM ION'
6 non-polymer 'CHLORIDE ION'
7 water water
#
loop_
_entity_poly.entity_id
_entity_poly.type
_entity_poly.pdbx_seq_one_letter_code
_entity_poly.pdbx_strand_id
1 'polypeptide(L)'
;SDIQMTQSPSSLSASVGDRVTITCRASQSVSSAVAWYQQKPGKAPKLLIYSASSLYSGVPSRFSGSRSGTDFTLTISSLQ
PEDFATYYCQQSYSFPSTFGQGTKVEIKRTVAAPSVFIFPPSDEQLKSGTASVVCLLNNFYPREAKVQWKVDNALQSGNS
QESVTEQDSKDSTYSLSSTLTLSKADYEKHKVYACEVTHQGLSSPVTKSFNRG
;
L,B
2 'polypeptide(L)'
;SEVQLVESGGGLVQPGGSLRLSCAASGFYISYSSIHWVRQAPGKGLEWVASISPYSGSTYYADSVKGRFTISADTSKNTA
YLQMNSLRAEDTAVYYCARQGYRRRSGRGFDYWGQGTLVTVSSASTKGPSVFPLAPSSKSTSGGTAALGCLVKDYFPEPV
TVSWNSGALTSGVHTFPAVLQSSGLYSLSSVVTVPSSSLGTQTYICNVNHKPSNTKVDKKVEPK
;
H,A
3 'polyribonucleotide'
;UCCAGUAGGAACACUAUACUACUGGAUAAUCAAAGACAAAUCUGCCCGAAGGGCUUGAGAACAUCGAAACACGAUGCAGA
GGUGGCAGCCUCCGGUGGGUUAAAACCCAACGUUCUCAACAAUAGUGA
;
M,C
#
# COMPACT_ATOMS: atom_id res chain seq x y z
N SER A 1 -18.33 -9.49 -21.31
CA SER A 1 -18.89 -8.19 -20.85
C SER A 1 -18.41 -7.04 -21.73
N ASP A 2 -17.24 -6.51 -21.40
CA ASP A 2 -16.72 -5.34 -22.09
C ASP A 2 -15.85 -5.71 -23.29
N ILE A 3 -16.11 -5.07 -24.42
CA ILE A 3 -15.37 -5.35 -25.65
C ILE A 3 -13.87 -5.12 -25.50
N GLN A 4 -13.06 -6.00 -26.09
CA GLN A 4 -11.61 -5.85 -26.05
C GLN A 4 -11.04 -5.50 -27.42
N MET A 5 -9.95 -4.74 -27.42
CA MET A 5 -9.23 -4.43 -28.65
C MET A 5 -7.80 -4.92 -28.52
N THR A 6 -7.47 -5.97 -29.26
CA THR A 6 -6.13 -6.56 -29.18
C THR A 6 -5.28 -6.07 -30.35
N GLN A 7 -4.45 -5.08 -30.07
CA GLN A 7 -3.59 -4.52 -31.08
C GLN A 7 -2.31 -5.33 -31.16
N SER A 8 -1.67 -5.36 -32.33
CA SER A 8 -0.39 -6.04 -32.49
C SER A 8 0.30 -5.64 -33.78
N PRO A 9 1.63 -5.69 -33.80
CA PRO A 9 2.45 -6.07 -32.65
C PRO A 9 2.58 -4.90 -31.69
N SER A 10 3.15 -5.12 -30.52
CA SER A 10 3.38 -4.01 -29.58
C SER A 10 4.42 -3.03 -30.14
N SER A 11 5.53 -3.57 -30.66
CA SER A 11 6.48 -2.73 -31.38
C SER A 11 6.74 -3.29 -32.78
N LEU A 12 7.42 -2.50 -33.60
CA LEU A 12 7.58 -2.82 -35.00
C LEU A 12 8.58 -1.84 -35.60
N SER A 13 9.59 -2.37 -36.28
CA SER A 13 10.60 -1.51 -36.88
C SER A 13 10.59 -1.58 -38.40
N ALA A 14 10.75 -0.42 -39.01
CA ALA A 14 10.60 -0.28 -40.44
C ALA A 14 11.54 0.80 -40.93
N SER A 15 11.72 0.86 -42.25
CA SER A 15 12.55 1.88 -42.85
C SER A 15 11.67 2.83 -43.63
N VAL A 16 12.18 4.02 -43.91
CA VAL A 16 11.44 4.93 -44.78
C VAL A 16 11.13 4.20 -46.09
N GLY A 17 9.91 4.37 -46.59
CA GLY A 17 9.53 3.69 -47.81
C GLY A 17 8.74 2.42 -47.53
N ASP A 18 9.11 1.70 -46.48
CA ASP A 18 8.40 0.47 -46.09
C ASP A 18 6.88 0.67 -46.05
N ARG A 19 6.15 -0.38 -46.44
CA ARG A 19 4.71 -0.42 -46.22
C ARG A 19 4.46 -1.08 -44.88
N VAL A 20 3.94 -0.33 -43.92
CA VAL A 20 3.75 -0.82 -42.57
C VAL A 20 2.29 -1.17 -42.30
N THR A 21 2.09 -2.21 -41.51
CA THR A 21 0.74 -2.68 -41.19
C THR A 21 0.53 -2.93 -39.70
N ILE A 22 -0.52 -2.34 -39.13
CA ILE A 22 -0.85 -2.57 -37.74
C ILE A 22 -2.25 -3.18 -37.64
N THR A 23 -2.39 -4.20 -36.81
CA THR A 23 -3.63 -4.96 -36.75
C THR A 23 -4.25 -4.85 -35.38
N CYS A 24 -5.57 -4.93 -35.33
CA CYS A 24 -6.30 -4.81 -34.07
C CYS A 24 -7.55 -5.70 -34.16
N ARG A 25 -7.66 -6.66 -33.24
CA ARG A 25 -8.78 -7.61 -33.24
C ARG A 25 -9.76 -7.35 -32.10
N ALA A 26 -11.02 -7.12 -32.45
CA ALA A 26 -12.07 -6.91 -31.45
C ALA A 26 -12.56 -8.25 -30.89
N SER A 27 -12.77 -8.29 -29.57
CA SER A 27 -13.17 -9.53 -28.91
C SER A 27 -14.59 -9.92 -29.27
N GLN A 28 -15.24 -9.08 -30.05
CA GLN A 28 -16.61 -9.35 -30.49
C GLN A 28 -17.05 -8.22 -31.41
N SER A 29 -18.02 -8.49 -32.28
CA SER A 29 -18.39 -7.53 -33.32
C SER A 29 -18.45 -6.11 -32.78
N VAL A 30 -17.94 -5.18 -33.57
CA VAL A 30 -17.91 -3.77 -33.22
C VAL A 30 -18.45 -3.02 -34.42
N SER A 31 -19.08 -3.76 -35.32
CA SER A 31 -19.49 -3.19 -36.58
C SER A 31 -18.30 -2.46 -37.19
N SER A 32 -18.40 -1.14 -37.34
CA SER A 32 -17.30 -0.36 -37.94
C SER A 32 -16.89 0.81 -37.05
N ALA A 33 -17.40 0.83 -35.82
CA ALA A 33 -17.11 1.93 -34.93
C ALA A 33 -15.68 1.86 -34.42
N VAL A 34 -14.72 1.95 -35.32
CA VAL A 34 -13.30 1.90 -34.94
C VAL A 34 -12.55 3.11 -35.46
N ALA A 35 -11.67 3.66 -34.62
CA ALA A 35 -10.83 4.79 -35.03
C ALA A 35 -9.36 4.49 -34.78
N TRP A 36 -8.50 5.19 -35.50
CA TRP A 36 -7.06 5.03 -35.32
C TRP A 36 -6.43 6.38 -34.95
N TYR A 37 -5.42 6.34 -34.09
CA TYR A 37 -4.77 7.56 -33.65
C TYR A 37 -3.26 7.43 -33.70
N GLN A 38 -2.60 8.55 -33.98
CA GLN A 38 -1.15 8.64 -33.91
C GLN A 38 -0.78 9.40 -32.65
N GLN A 39 0.26 8.99 -31.96
CA GLN A 39 0.73 9.80 -30.84
C GLN A 39 2.24 9.87 -30.78
N LYS A 40 2.74 11.04 -30.39
CA LYS A 40 4.18 11.23 -30.29
C LYS A 40 4.57 11.66 -28.89
N PRO A 41 5.72 11.19 -28.40
CA PRO A 41 6.12 11.35 -27.01
C PRO A 41 5.67 12.67 -26.39
N GLY A 42 4.86 12.56 -25.34
CA GLY A 42 4.39 13.71 -24.59
C GLY A 42 3.63 14.70 -25.44
N LYS A 43 2.71 14.20 -26.26
CA LYS A 43 1.88 15.08 -27.08
C LYS A 43 0.53 14.44 -27.38
N ALA A 44 -0.48 15.27 -27.52
CA ALA A 44 -1.84 14.78 -27.73
C ALA A 44 -1.90 13.85 -28.94
N PRO A 45 -2.71 12.79 -28.84
CA PRO A 45 -2.94 11.87 -29.94
C PRO A 45 -3.67 12.60 -31.07
N LYS A 46 -3.53 12.07 -32.28
CA LYS A 46 -4.17 12.66 -33.44
C LYS A 46 -4.98 11.64 -34.23
N LEU A 47 -6.20 12.03 -34.61
CA LEU A 47 -7.09 11.16 -35.34
C LEU A 47 -6.60 10.94 -36.78
N LEU A 48 -6.58 9.68 -37.21
CA LEU A 48 -6.15 9.34 -38.56
C LEU A 48 -7.32 8.74 -39.35
N ILE A 49 -7.96 7.74 -38.77
CA ILE A 49 -9.03 7.01 -39.44
C ILE A 49 -10.26 6.99 -38.55
N TYR A 50 -11.43 7.09 -39.16
CA TYR A 50 -12.65 6.99 -38.39
C TYR A 50 -13.65 6.10 -39.12
N SER A 51 -14.58 5.54 -38.35
CA SER A 51 -15.57 4.63 -38.92
C SER A 51 -14.89 3.48 -39.61
N ALA A 52 -13.72 3.07 -39.11
CA ALA A 52 -13.07 1.86 -39.61
C ALA A 52 -12.17 2.04 -40.85
N SER A 53 -12.61 2.83 -41.82
CA SER A 53 -11.86 2.93 -43.06
C SER A 53 -11.82 4.33 -43.66
N SER A 54 -12.55 5.25 -43.06
CA SER A 54 -12.53 6.64 -43.53
C SER A 54 -11.29 7.40 -43.08
N LEU A 55 -10.64 8.04 -44.06
CA LEU A 55 -9.46 8.85 -43.80
C LEU A 55 -9.90 10.19 -43.26
N TYR A 56 -9.41 10.54 -42.07
CA TYR A 56 -9.83 11.80 -41.45
C TYR A 56 -9.28 12.97 -42.23
N SER A 57 -10.09 14.01 -42.36
CA SER A 57 -9.71 15.18 -43.12
C SER A 57 -8.38 15.72 -42.64
N GLY A 58 -7.57 16.20 -43.57
CA GLY A 58 -6.25 16.71 -43.21
C GLY A 58 -5.16 15.66 -43.24
N VAL A 59 -5.52 14.39 -43.02
CA VAL A 59 -4.52 13.31 -43.00
C VAL A 59 -4.05 12.88 -44.40
N PRO A 60 -2.73 12.66 -44.54
CA PRO A 60 -2.09 12.17 -45.75
C PRO A 60 -2.71 10.88 -46.24
N SER A 61 -2.88 10.77 -47.56
CA SER A 61 -3.54 9.62 -48.15
C SER A 61 -2.74 8.33 -48.07
N ARG A 62 -1.46 8.40 -47.72
CA ARG A 62 -0.69 7.17 -47.55
C ARG A 62 -1.27 6.33 -46.41
N PHE A 63 -1.92 7.01 -45.46
CA PHE A 63 -2.60 6.34 -44.35
C PHE A 63 -3.92 5.76 -44.81
N SER A 64 -4.28 4.60 -44.27
CA SER A 64 -5.55 3.95 -44.61
C SER A 64 -6.00 3.01 -43.51
N GLY A 65 -7.26 2.59 -43.59
CA GLY A 65 -7.79 1.63 -42.63
C GLY A 65 -8.73 0.69 -43.36
N SER A 66 -8.79 -0.57 -42.92
CA SER A 66 -9.71 -1.49 -43.55
C SER A 66 -10.35 -2.38 -42.51
N ARG A 67 -11.49 -2.97 -42.86
CA ARG A 67 -12.17 -3.87 -41.93
C ARG A 67 -12.53 -5.21 -42.55
N SER A 68 -11.96 -6.28 -42.02
CA SER A 68 -12.43 -7.62 -42.36
C SER A 68 -13.05 -8.24 -41.10
N GLY A 69 -14.37 -8.35 -41.10
CA GLY A 69 -15.08 -8.91 -39.96
C GLY A 69 -14.89 -8.12 -38.68
N THR A 70 -14.21 -8.73 -37.71
CA THR A 70 -13.93 -8.05 -36.45
C THR A 70 -12.46 -7.70 -36.35
N ASP A 71 -11.76 -7.80 -37.48
CA ASP A 71 -10.35 -7.43 -37.55
C ASP A 71 -10.13 -6.12 -38.30
N PHE A 72 -9.33 -5.25 -37.71
CA PHE A 72 -9.11 -3.91 -38.22
C PHE A 72 -7.64 -3.62 -38.37
N THR A 73 -7.22 -3.19 -39.55
CA THR A 73 -5.82 -2.86 -39.79
C THR A 73 -5.62 -1.50 -40.40
N LEU A 74 -4.61 -0.81 -39.90
CA LEU A 74 -4.22 0.51 -40.36
C LEU A 74 -2.96 0.37 -41.21
N THR A 75 -2.97 0.92 -42.41
CA THR A 75 -1.82 0.81 -43.30
C THR A 75 -1.18 2.14 -43.63
N ILE A 76 0.11 2.08 -43.94
CA ILE A 76 0.85 3.24 -44.43
C ILE A 76 1.59 2.85 -45.72
N SER A 77 1.08 3.31 -46.89
CA SER A 77 1.67 2.95 -48.19
C SER A 77 3.17 3.01 -48.12
N SER A 78 3.65 4.16 -47.68
CA SER A 78 5.05 4.49 -47.79
C SER A 78 5.51 5.29 -46.58
N LEU A 79 6.11 4.60 -45.62
CA LEU A 79 6.47 5.21 -44.36
C LEU A 79 7.32 6.44 -44.57
N GLN A 80 6.98 7.51 -43.85
CA GLN A 80 7.72 8.75 -43.90
C GLN A 80 8.35 9.04 -42.55
N PRO A 81 9.41 9.84 -42.54
CA PRO A 81 10.11 10.18 -41.30
C PRO A 81 9.20 10.69 -40.17
N GLU A 82 8.15 11.42 -40.51
CA GLU A 82 7.25 11.91 -39.46
C GLU A 82 6.38 10.80 -38.88
N ASP A 83 6.39 9.64 -39.52
CA ASP A 83 5.45 8.60 -39.15
C ASP A 83 5.92 7.74 -37.99
N PHE A 84 7.22 7.75 -37.73
CA PHE A 84 7.74 7.06 -36.56
C PHE A 84 7.08 7.70 -35.36
N ALA A 85 6.31 6.88 -34.64
CA ALA A 85 5.40 7.32 -33.59
C ALA A 85 4.70 6.08 -33.08
N THR A 86 3.74 6.26 -32.17
CA THR A 86 2.94 5.13 -31.70
C THR A 86 1.52 5.27 -32.19
N TYR A 87 0.85 4.14 -32.41
CA TYR A 87 -0.52 4.16 -32.96
C TYR A 87 -1.49 3.35 -32.09
N TYR A 88 -2.73 3.82 -32.03
CA TYR A 88 -3.75 3.16 -31.23
C TYR A 88 -5.04 2.96 -32.02
N CYS A 89 -5.58 1.75 -32.01
CA CYS A 89 -6.95 1.52 -32.47
C CYS A 89 -7.87 1.84 -31.29
N GLN A 90 -9.09 2.25 -31.58
CA GLN A 90 -10.10 2.49 -30.55
C GLN A 90 -11.47 2.09 -31.04
N GLN A 91 -12.23 1.44 -30.16
CA GLN A 91 -13.61 1.07 -30.49
C GLN A 91 -14.60 1.95 -29.73
N SER A 92 -15.63 2.38 -30.44
CA SER A 92 -16.65 3.25 -29.89
C SER A 92 -18.01 2.72 -30.28
N TYR A 93 -18.14 1.40 -30.27
CA TYR A 93 -19.40 0.72 -30.59
C TYR A 93 -20.25 0.57 -29.35
N SER A 94 -19.59 0.37 -28.21
CA SER A 94 -20.26 0.11 -26.96
C SER A 94 -19.49 0.75 -25.81
N PHE A 95 -20.19 1.13 -24.74
CA PHE A 95 -19.53 1.64 -23.54
C PHE A 95 -19.35 0.53 -22.53
N PRO A 96 -18.23 0.54 -21.80
CA PRO A 96 -17.19 1.55 -21.91
C PRO A 96 -16.36 1.35 -23.17
N SER A 97 -15.72 2.42 -23.64
CA SER A 97 -14.82 2.35 -24.79
C SER A 97 -13.51 1.70 -24.40
N THR A 98 -12.69 1.34 -25.39
CA THR A 98 -11.39 0.74 -25.12
C THR A 98 -10.43 1.02 -26.25
N PHE A 99 -9.16 1.22 -25.91
CA PHE A 99 -8.10 1.38 -26.90
C PHE A 99 -7.27 0.11 -26.96
N GLY A 100 -6.65 -0.15 -28.11
CA GLY A 100 -5.65 -1.21 -28.20
C GLY A 100 -4.42 -0.82 -27.39
N GLN A 101 -3.57 -1.79 -27.08
CA GLN A 101 -2.36 -1.56 -26.27
C GLN A 101 -1.43 -0.50 -26.87
N GLY A 102 -1.45 -0.35 -28.19
CA GLY A 102 -0.56 0.59 -28.87
C GLY A 102 0.55 -0.10 -29.65
N THR A 103 0.93 0.48 -30.78
CA THR A 103 2.00 -0.04 -31.59
C THR A 103 3.03 1.07 -31.85
N LYS A 104 4.25 0.85 -31.37
CA LYS A 104 5.35 1.78 -31.60
C LYS A 104 6.05 1.46 -32.91
N VAL A 105 6.04 2.40 -33.84
CA VAL A 105 6.75 2.20 -35.10
C VAL A 105 8.13 2.82 -34.97
N GLU A 106 9.15 1.97 -34.95
CA GLU A 106 10.52 2.41 -34.73
C GLU A 106 11.36 2.35 -36.00
N ILE A 107 12.53 3.00 -35.98
CA ILE A 107 13.44 2.99 -37.12
C ILE A 107 14.28 1.71 -37.17
N LYS A 108 14.27 1.03 -38.30
CA LYS A 108 15.09 -0.17 -38.46
C LYS A 108 16.55 0.17 -38.73
N ARG A 109 17.46 -0.65 -38.20
CA ARG A 109 18.88 -0.48 -38.45
C ARG A 109 19.55 -1.82 -38.19
N THR A 110 20.80 -1.97 -38.63
CA THR A 110 21.52 -3.23 -38.46
C THR A 110 21.75 -3.54 -36.98
N VAL A 111 21.80 -4.82 -36.65
CA VAL A 111 21.93 -5.25 -35.26
C VAL A 111 23.20 -4.67 -34.67
N ALA A 112 23.15 -4.38 -33.38
CA ALA A 112 24.32 -3.90 -32.64
C ALA A 112 24.31 -4.45 -31.22
N ALA A 113 25.36 -5.17 -30.85
CA ALA A 113 25.46 -5.74 -29.51
C ALA A 113 25.73 -4.65 -28.49
N PRO A 114 25.22 -4.82 -27.25
CA PRO A 114 25.44 -3.80 -26.26
C PRO A 114 26.85 -3.90 -25.69
N SER A 115 27.46 -2.77 -25.36
CA SER A 115 28.63 -2.76 -24.49
C SER A 115 28.07 -2.89 -23.08
N VAL A 116 28.79 -3.53 -22.18
CA VAL A 116 28.26 -3.73 -20.84
C VAL A 116 29.20 -3.29 -19.73
N PHE A 117 28.76 -2.29 -18.98
CA PHE A 117 29.56 -1.71 -17.94
C PHE A 117 28.87 -1.88 -16.60
N ILE A 118 29.64 -2.01 -15.54
CA ILE A 118 29.06 -2.19 -14.22
C ILE A 118 29.68 -1.24 -13.21
N PHE A 119 28.84 -0.62 -12.40
CA PHE A 119 29.28 0.34 -11.42
C PHE A 119 28.83 -0.13 -10.05
N PRO A 120 29.78 -0.20 -9.09
CA PRO A 120 29.45 -0.56 -7.72
C PRO A 120 28.97 0.68 -6.97
N PRO A 121 28.30 0.50 -5.82
CA PRO A 121 27.83 1.65 -5.07
C PRO A 121 29.01 2.50 -4.63
N SER A 122 28.83 3.82 -4.63
CA SER A 122 29.90 4.72 -4.20
C SER A 122 30.05 4.70 -2.69
N ASP A 123 31.25 4.97 -2.21
CA ASP A 123 31.47 4.97 -0.77
C ASP A 123 30.52 5.94 -0.11
N GLU A 124 30.33 7.08 -0.78
CA GLU A 124 29.39 8.08 -0.34
C GLU A 124 28.02 7.47 -0.05
N GLN A 125 27.40 6.89 -1.08
CA GLN A 125 26.08 6.30 -0.92
C GLN A 125 26.06 5.24 0.17
N LEU A 126 27.22 4.70 0.49
CA LEU A 126 27.30 3.66 1.50
C LEU A 126 27.15 4.27 2.89
N LYS A 127 27.99 5.25 3.17
CA LYS A 127 27.87 6.07 4.36
C LYS A 127 26.41 6.46 4.61
N SER A 128 25.64 6.58 3.54
CA SER A 128 24.26 7.02 3.62
C SER A 128 23.32 5.97 4.25
N GLY A 129 23.45 4.71 3.85
CA GLY A 129 22.60 3.66 4.40
C GLY A 129 22.01 2.67 3.40
N THR A 130 22.02 3.04 2.12
CA THR A 130 21.56 2.14 1.06
C THR A 130 22.63 1.99 -0.01
N ALA A 131 22.51 0.95 -0.83
CA ALA A 131 23.50 0.64 -1.85
C ALA A 131 22.82 0.36 -3.19
N SER A 132 23.22 1.11 -4.22
CA SER A 132 22.69 0.88 -5.55
C SER A 132 23.77 0.36 -6.50
N VAL A 133 23.49 -0.73 -7.19
CA VAL A 133 24.42 -1.27 -8.17
C VAL A 133 23.91 -1.07 -9.59
N VAL A 134 24.69 -0.37 -10.41
CA VAL A 134 24.22 -0.01 -11.73
C VAL A 134 24.89 -0.81 -12.82
N CYS A 135 24.09 -1.31 -13.74
CA CYS A 135 24.55 -2.12 -14.86
C CYS A 135 24.09 -1.44 -16.14
N LEU A 136 25.03 -1.07 -16.99
CA LEU A 136 24.73 -0.26 -18.16
C LEU A 136 24.91 -1.02 -19.48
N LEU A 137 23.81 -1.20 -20.20
CA LEU A 137 23.87 -1.69 -21.58
C LEU A 137 23.86 -0.48 -22.50
N ASN A 138 24.92 -0.31 -23.28
CA ASN A 138 25.06 0.93 -24.02
C ASN A 138 25.06 0.74 -25.53
N ASN A 139 24.33 1.62 -26.21
CA ASN A 139 24.33 1.69 -27.67
C ASN A 139 24.15 0.37 -28.38
N PHE A 140 22.91 -0.13 -28.39
CA PHE A 140 22.62 -1.46 -28.88
C PHE A 140 21.28 -1.51 -29.61
N TYR A 141 21.10 -2.55 -30.41
CA TYR A 141 19.90 -2.73 -31.23
C TYR A 141 19.79 -4.19 -31.67
N PRO A 142 18.56 -4.73 -31.73
CA PRO A 142 17.31 -4.03 -31.46
C PRO A 142 17.09 -3.81 -29.97
N ARG A 143 15.88 -3.47 -29.59
CA ARG A 143 15.61 -3.11 -28.19
C ARG A 143 15.53 -4.32 -27.27
N GLU A 144 14.85 -5.37 -27.70
CA GLU A 144 14.65 -6.54 -26.85
C GLU A 144 15.99 -6.98 -26.29
N ALA A 145 16.09 -7.00 -24.98
CA ALA A 145 17.32 -7.41 -24.29
C ALA A 145 16.92 -8.06 -22.98
N LYS A 146 17.89 -8.52 -22.20
CA LYS A 146 17.55 -9.21 -20.97
C LYS A 146 18.67 -9.11 -19.95
N VAL A 147 18.39 -8.42 -18.84
CA VAL A 147 19.38 -8.29 -17.78
C VAL A 147 18.95 -9.07 -16.55
N GLN A 148 19.83 -9.91 -16.04
CA GLN A 148 19.59 -10.60 -14.79
C GLN A 148 20.67 -10.31 -13.78
N TRP A 149 20.26 -10.08 -12.54
CA TRP A 149 21.23 -9.82 -11.46
C TRP A 149 21.53 -11.09 -10.68
N LYS A 150 22.79 -11.25 -10.28
CA LYS A 150 23.16 -12.37 -9.43
C LYS A 150 24.23 -11.96 -8.42
N VAL A 151 23.91 -12.11 -7.14
CA VAL A 151 24.89 -11.86 -6.09
C VAL A 151 25.28 -13.16 -5.41
N ASP A 152 26.58 -13.43 -5.37
CA ASP A 152 27.09 -14.71 -4.90
C ASP A 152 26.38 -15.82 -5.67
N ASN A 153 26.09 -15.53 -6.93
CA ASN A 153 25.48 -16.48 -7.84
C ASN A 153 23.99 -16.76 -7.59
N ALA A 154 23.41 -16.01 -6.67
CA ALA A 154 21.97 -16.09 -6.43
C ALA A 154 21.25 -15.19 -7.43
N LEU A 155 20.21 -15.70 -8.08
CA LEU A 155 19.41 -14.87 -8.97
C LEU A 155 18.55 -13.86 -8.22
N GLN A 156 18.93 -12.60 -8.31
CA GLN A 156 18.14 -11.52 -7.73
C GLN A 156 16.76 -11.46 -8.36
N SER A 157 15.81 -10.90 -7.64
CA SER A 157 14.44 -10.83 -8.13
C SER A 157 13.62 -9.73 -7.46
N GLY A 158 12.92 -8.94 -8.28
CA GLY A 158 12.08 -7.87 -7.77
C GLY A 158 12.78 -6.95 -6.80
N ASN A 159 14.07 -6.71 -7.02
CA ASN A 159 14.82 -5.77 -6.21
C ASN A 159 15.71 -4.91 -7.08
N SER A 160 15.31 -4.78 -8.35
CA SER A 160 16.06 -3.99 -9.31
C SER A 160 15.11 -3.48 -10.37
N GLN A 161 15.34 -2.26 -10.84
CA GLN A 161 14.56 -1.71 -11.95
C GLN A 161 15.46 -1.25 -13.08
N GLU A 162 14.88 -1.02 -14.25
CA GLU A 162 15.65 -0.58 -15.40
C GLU A 162 14.95 0.51 -16.17
N SER A 163 15.72 1.25 -16.96
CA SER A 163 15.17 2.32 -17.75
C SER A 163 15.83 2.32 -19.13
N VAL A 164 15.10 2.80 -20.12
CA VAL A 164 15.57 2.72 -21.50
C VAL A 164 15.48 4.05 -22.23
N THR A 165 16.49 4.36 -23.02
CA THR A 165 16.51 5.61 -23.78
C THR A 165 15.66 5.50 -25.04
N GLU A 166 15.43 6.62 -25.70
CA GLU A 166 14.77 6.60 -26.99
C GLU A 166 15.81 6.24 -28.03
N GLN A 167 15.35 5.86 -29.22
CA GLN A 167 16.30 5.60 -30.27
C GLN A 167 17.15 6.85 -30.39
N ASP A 168 18.46 6.67 -30.53
CA ASP A 168 19.36 7.81 -30.61
C ASP A 168 19.21 8.51 -31.95
N SER A 169 18.96 9.83 -31.90
CA SER A 169 18.79 10.60 -33.12
C SER A 169 20.04 10.47 -34.00
N LYS A 170 21.08 9.86 -33.44
CA LYS A 170 22.36 9.75 -34.14
C LYS A 170 22.48 8.42 -34.86
N ASP A 171 22.53 7.34 -34.08
CA ASP A 171 22.75 6.01 -34.63
C ASP A 171 21.57 5.08 -34.43
N SER A 172 20.44 5.64 -34.01
CA SER A 172 19.22 4.86 -33.89
C SER A 172 19.31 3.71 -32.88
N THR A 173 20.28 3.78 -31.97
CA THR A 173 20.46 2.72 -31.00
C THR A 173 19.76 3.01 -29.68
N TYR A 174 19.67 2.00 -28.84
CA TYR A 174 19.12 2.14 -27.50
C TYR A 174 20.22 1.98 -26.46
N SER A 175 20.07 2.63 -25.32
CA SER A 175 20.94 2.40 -24.18
C SER A 175 20.05 2.13 -22.98
N LEU A 176 20.46 1.18 -22.14
CA LEU A 176 19.60 0.74 -21.05
C LEU A 176 20.35 0.58 -19.73
N SER A 177 19.73 1.02 -18.64
CA SER A 177 20.36 0.93 -17.33
C SER A 177 19.52 0.11 -16.38
N SER A 178 20.15 -0.84 -15.70
CA SER A 178 19.49 -1.65 -14.70
C SER A 178 20.10 -1.34 -13.33
N THR A 179 19.27 -1.01 -12.37
CA THR A 179 19.78 -0.67 -11.05
C THR A 179 19.32 -1.65 -9.98
N LEU A 180 20.29 -2.18 -9.24
CA LEU A 180 20.03 -3.13 -8.18
C LEU A 180 20.12 -2.37 -6.87
N THR A 181 19.18 -2.64 -5.96
CA THR A 181 19.14 -1.95 -4.69
C THR A 181 19.20 -2.88 -3.49
N LEU A 182 20.19 -2.67 -2.64
CA LEU A 182 20.38 -3.49 -1.46
C LEU A 182 20.43 -2.59 -0.23
N SER A 183 20.10 -3.17 0.92
CA SER A 183 20.39 -2.50 2.18
C SER A 183 21.90 -2.63 2.39
N LYS A 184 22.51 -1.65 3.05
CA LYS A 184 23.94 -1.71 3.29
C LYS A 184 24.32 -3.03 3.95
N ALA A 185 23.40 -3.59 4.73
CA ALA A 185 23.60 -4.88 5.39
C ALA A 185 23.68 -6.00 4.35
N ASP A 186 22.63 -6.15 3.56
CA ASP A 186 22.62 -7.13 2.48
C ASP A 186 23.87 -6.98 1.64
N TYR A 187 24.21 -5.75 1.29
CA TYR A 187 25.36 -5.49 0.44
C TYR A 187 26.65 -5.96 1.08
N GLU A 188 26.91 -5.51 2.30
CA GLU A 188 28.16 -5.81 2.97
C GLU A 188 28.39 -7.31 3.16
N LYS A 189 27.32 -8.09 3.19
CA LYS A 189 27.47 -9.54 3.39
C LYS A 189 28.15 -10.18 2.19
N HIS A 190 27.49 -10.12 1.03
CA HIS A 190 27.94 -10.82 -0.17
C HIS A 190 29.16 -10.20 -0.84
N LYS A 191 29.98 -11.00 -1.53
CA LYS A 191 31.20 -10.49 -2.14
C LYS A 191 31.13 -10.20 -3.65
N VAL A 192 30.61 -11.13 -4.43
CA VAL A 192 30.62 -10.95 -5.88
C VAL A 192 29.26 -10.52 -6.47
N TYR A 193 29.26 -9.39 -7.17
CA TYR A 193 28.06 -8.87 -7.83
C TYR A 193 28.21 -8.89 -9.36
N ALA A 194 27.16 -9.33 -10.05
CA ALA A 194 27.21 -9.47 -11.50
C ALA A 194 25.84 -9.29 -12.17
N CYS A 195 25.83 -8.69 -13.37
CA CYS A 195 24.66 -8.77 -14.25
C CYS A 195 24.98 -9.60 -15.50
N GLU A 196 24.00 -10.37 -15.95
CA GLU A 196 24.11 -11.16 -17.18
C GLU A 196 23.24 -10.55 -18.25
N VAL A 197 23.86 -10.19 -19.37
CA VAL A 197 23.12 -9.60 -20.46
C VAL A 197 22.90 -10.63 -21.55
N THR A 198 21.67 -10.71 -22.03
CA THR A 198 21.33 -11.52 -23.17
C THR A 198 20.77 -10.61 -24.24
N HIS A 199 21.48 -10.50 -25.36
CA HIS A 199 21.00 -9.70 -26.46
C HIS A 199 21.24 -10.42 -27.77
N GLN A 200 20.39 -10.18 -28.76
CA GLN A 200 20.52 -10.85 -30.04
C GLN A 200 21.90 -10.61 -30.65
N GLY A 201 22.51 -9.49 -30.27
CA GLY A 201 23.83 -9.15 -30.76
C GLY A 201 24.96 -10.02 -30.24
N LEU A 202 24.74 -10.67 -29.10
CA LEU A 202 25.78 -11.46 -28.45
C LEU A 202 25.56 -12.94 -28.71
N SER A 203 26.57 -13.65 -29.17
CA SER A 203 26.34 -15.05 -29.51
C SER A 203 26.22 -15.92 -28.25
N SER A 204 26.51 -15.32 -27.10
CA SER A 204 26.23 -15.95 -25.81
C SER A 204 26.27 -14.88 -24.70
N PRO A 205 25.40 -15.03 -23.68
CA PRO A 205 25.23 -14.07 -22.61
C PRO A 205 26.51 -13.48 -22.05
N VAL A 206 26.53 -12.17 -21.87
CA VAL A 206 27.69 -11.50 -21.27
C VAL A 206 27.52 -11.33 -19.76
N THR A 207 28.57 -11.65 -19.00
CA THR A 207 28.53 -11.44 -17.56
C THR A 207 29.60 -10.45 -17.12
N LYS A 208 29.16 -9.31 -16.63
CA LYS A 208 30.06 -8.29 -16.14
C LYS A 208 29.85 -8.26 -14.63
N SER A 209 30.92 -8.37 -13.85
CA SER A 209 30.81 -8.41 -12.39
C SER A 209 32.01 -7.83 -11.64
N PHE A 210 31.85 -7.62 -10.34
CA PHE A 210 32.91 -7.08 -9.49
C PHE A 210 32.83 -7.66 -8.06
N ASN A 211 33.88 -7.47 -7.28
CA ASN A 211 33.89 -7.90 -5.87
C ASN A 211 33.96 -6.70 -4.93
N ARG A 212 33.15 -6.69 -3.88
CA ARG A 212 33.22 -5.58 -2.92
C ARG A 212 34.68 -5.33 -2.55
N GLY A 213 35.13 -4.09 -2.71
CA GLY A 213 36.47 -3.67 -2.30
C GLY A 213 37.60 -4.29 -3.10
N SER B 1 -8.38 24.57 -35.65
CA SER B 1 -8.49 25.91 -36.35
C SER B 1 -8.83 27.00 -35.33
N GLU B 2 -10.13 27.12 -35.08
CA GLU B 2 -10.63 27.95 -33.99
C GLU B 2 -11.08 27.02 -32.87
N VAL B 3 -11.39 25.77 -33.21
CA VAL B 3 -11.74 24.77 -32.21
C VAL B 3 -10.53 24.46 -31.32
N GLN B 4 -10.73 24.51 -30.01
CA GLN B 4 -9.62 24.30 -29.09
C GLN B 4 -10.05 23.84 -27.71
N LEU B 5 -9.24 22.99 -27.09
CA LEU B 5 -9.51 22.49 -25.74
C LEU B 5 -8.30 22.68 -24.83
N VAL B 6 -8.51 23.26 -23.66
CA VAL B 6 -7.44 23.54 -22.74
C VAL B 6 -7.83 23.11 -21.34
N GLU B 7 -7.22 22.04 -20.83
CA GLU B 7 -7.54 21.54 -19.51
C GLU B 7 -6.68 22.20 -18.43
N SER B 8 -7.13 22.08 -17.19
CA SER B 8 -6.42 22.63 -16.05
C SER B 8 -6.97 21.99 -14.79
N GLY B 9 -6.26 22.16 -13.68
CA GLY B 9 -6.71 21.64 -12.39
C GLY B 9 -5.91 20.45 -11.89
N GLY B 10 -5.01 19.97 -12.74
CA GLY B 10 -4.13 18.86 -12.34
C GLY B 10 -3.05 19.35 -11.41
N GLY B 11 -2.58 18.48 -10.54
CA GLY B 11 -1.53 18.85 -9.60
C GLY B 11 -1.12 17.69 -8.74
N LEU B 12 -0.66 18.00 -7.53
CA LEU B 12 -0.20 16.97 -6.63
C LEU B 12 -1.27 16.74 -5.56
N VAL B 13 -1.52 15.49 -5.21
CA VAL B 13 -2.55 15.19 -4.22
C VAL B 13 -2.27 13.89 -3.47
N GLN B 14 -2.56 13.86 -2.17
CA GLN B 14 -2.42 12.63 -1.40
C GLN B 14 -3.44 11.60 -1.87
N PRO B 15 -3.12 10.31 -1.69
CA PRO B 15 -4.07 9.26 -1.98
C PRO B 15 -5.35 9.49 -1.20
N GLY B 16 -6.45 8.89 -1.65
CA GLY B 16 -7.75 9.10 -1.00
C GLY B 16 -8.22 10.53 -1.17
N GLY B 17 -7.26 11.45 -1.33
CA GLY B 17 -7.57 12.86 -1.55
C GLY B 17 -8.46 13.07 -2.76
N SER B 18 -8.62 14.33 -3.16
CA SER B 18 -9.55 14.66 -4.23
C SER B 18 -9.07 15.84 -5.09
N LEU B 19 -9.54 15.89 -6.33
CA LEU B 19 -9.06 16.87 -7.30
C LEU B 19 -10.06 16.98 -8.44
N ARG B 20 -10.19 18.17 -9.04
CA ARG B 20 -11.15 18.34 -10.12
C ARG B 20 -10.58 19.04 -11.34
N LEU B 21 -10.53 18.30 -12.44
CA LEU B 21 -10.05 18.83 -13.69
C LEU B 21 -11.16 19.56 -14.42
N SER B 22 -10.78 20.57 -15.20
CA SER B 22 -11.72 21.27 -16.03
C SER B 22 -11.15 21.35 -17.43
N CYS B 23 -12.04 21.42 -18.41
CA CYS B 23 -11.65 21.45 -19.81
C CYS B 23 -12.40 22.60 -20.48
N ALA B 24 -11.74 23.74 -20.62
CA ALA B 24 -12.36 24.91 -21.22
C ALA B 24 -12.41 24.75 -22.73
N ALA B 25 -13.61 24.80 -23.31
CA ALA B 25 -13.77 24.58 -24.74
C ALA B 25 -14.12 25.85 -25.49
N SER B 26 -13.28 26.22 -26.45
CA SER B 26 -13.59 27.34 -27.33
C SER B 26 -13.68 26.87 -28.78
N GLY B 27 -14.35 27.64 -29.62
CA GLY B 27 -14.49 27.30 -31.04
C GLY B 27 -15.72 26.48 -31.39
N PHE B 28 -16.53 26.13 -30.41
CA PHE B 28 -17.76 25.41 -30.68
C PHE B 28 -18.63 25.26 -29.44
N TYR B 29 -19.92 25.06 -29.67
CA TYR B 29 -20.87 24.85 -28.59
C TYR B 29 -20.70 23.47 -27.95
N ILE B 30 -20.07 23.43 -26.78
CA ILE B 30 -19.82 22.17 -26.11
C ILE B 30 -21.04 21.25 -26.04
N SER B 31 -22.24 21.83 -26.04
CA SER B 31 -23.45 21.04 -25.79
C SER B 31 -23.97 20.24 -26.97
N TYR B 32 -23.33 20.33 -28.12
CA TYR B 32 -23.74 19.54 -29.27
C TYR B 32 -22.75 18.43 -29.60
N SER B 33 -21.63 18.40 -28.86
CA SER B 33 -20.65 17.33 -28.98
C SER B 33 -20.77 16.38 -27.81
N SER B 34 -19.99 15.29 -27.87
CA SER B 34 -19.87 14.38 -26.74
C SER B 34 -18.45 14.53 -26.24
N ILE B 35 -18.27 14.74 -24.95
CA ILE B 35 -16.93 14.96 -24.41
C ILE B 35 -16.40 13.72 -23.69
N HIS B 36 -15.12 13.45 -23.86
CA HIS B 36 -14.51 12.31 -23.19
C HIS B 36 -13.26 12.76 -22.46
N TRP B 37 -12.94 12.07 -21.38
CA TRP B 37 -11.62 12.18 -20.77
C TRP B 37 -10.89 10.89 -21.02
N VAL B 38 -9.60 11.00 -21.29
CA VAL B 38 -8.77 9.86 -21.60
C VAL B 38 -7.45 10.11 -20.90
N ARG B 39 -6.90 9.08 -20.26
CA ARG B 39 -5.67 9.28 -19.50
C ARG B 39 -4.57 8.33 -19.93
N GLN B 40 -3.34 8.74 -19.68
CA GLN B 40 -2.18 7.96 -20.07
C GLN B 40 -1.18 7.94 -18.93
N ALA B 41 -1.02 6.79 -18.30
CA ALA B 41 -0.08 6.68 -17.18
C ALA B 41 1.34 6.68 -17.73
N PRO B 42 2.29 7.19 -16.94
CA PRO B 42 3.69 7.24 -17.36
C PRO B 42 4.12 5.93 -18.02
N GLY B 43 4.48 6.00 -19.30
CA GLY B 43 4.94 4.84 -20.05
C GLY B 43 3.86 3.78 -20.27
N LYS B 44 2.61 4.20 -20.35
CA LYS B 44 1.53 3.27 -20.60
C LYS B 44 0.71 3.73 -21.79
N GLY B 45 -0.27 2.92 -22.17
CA GLY B 45 -1.15 3.25 -23.28
C GLY B 45 -2.25 4.22 -22.90
N LEU B 46 -3.05 4.61 -23.87
CA LEU B 46 -4.18 5.48 -23.61
C LEU B 46 -5.25 4.69 -22.91
N GLU B 47 -5.93 5.30 -21.94
CA GLU B 47 -7.02 4.62 -21.27
C GLU B 47 -8.26 5.51 -21.22
N TRP B 48 -9.33 5.06 -21.87
CA TRP B 48 -10.57 5.83 -21.86
C TRP B 48 -11.13 5.77 -20.45
N VAL B 49 -11.52 6.92 -19.92
CA VAL B 49 -12.01 6.95 -18.54
C VAL B 49 -13.48 7.36 -18.39
N ALA B 50 -13.94 8.37 -19.11
CA ALA B 50 -15.34 8.79 -18.98
C ALA B 50 -15.86 9.64 -20.16
N SER B 51 -17.18 9.83 -20.23
CA SER B 51 -17.76 10.61 -21.30
C SER B 51 -19.14 11.17 -20.95
N ILE B 52 -19.53 12.27 -21.62
CA ILE B 52 -20.87 12.86 -21.48
C ILE B 52 -21.53 12.98 -22.83
N SER B 53 -22.85 12.78 -22.89
CA SER B 53 -23.54 12.82 -24.17
C SER B 53 -24.38 14.08 -24.37
N PRO B 54 -24.36 14.60 -25.59
CA PRO B 54 -25.14 15.80 -25.91
C PRO B 54 -26.61 15.53 -25.72
N TYR B 55 -27.37 16.59 -25.50
CA TYR B 55 -28.84 16.49 -25.42
C TYR B 55 -29.34 15.71 -24.21
N SER B 56 -28.95 14.46 -24.08
CA SER B 56 -29.41 13.65 -22.94
C SER B 56 -28.61 13.94 -21.68
N GLY B 57 -27.33 14.26 -21.87
CA GLY B 57 -26.42 14.48 -20.75
C GLY B 57 -26.14 13.17 -20.02
N SER B 58 -26.36 12.06 -20.71
CA SER B 58 -26.06 10.75 -20.14
C SER B 58 -24.60 10.71 -19.74
N THR B 59 -24.28 9.81 -18.83
CA THR B 59 -22.94 9.72 -18.33
C THR B 59 -22.41 8.29 -18.52
N TYR B 60 -21.10 8.15 -18.67
CA TYR B 60 -20.48 6.85 -18.90
C TYR B 60 -19.06 6.80 -18.32
N TYR B 61 -18.77 5.77 -17.54
CA TYR B 61 -17.45 5.63 -16.92
C TYR B 61 -16.78 4.29 -17.18
N ALA B 62 -15.48 4.21 -16.92
CA ALA B 62 -14.75 2.96 -17.08
C ALA B 62 -14.66 2.21 -15.76
N ASP B 63 -14.77 0.89 -15.83
CA ASP B 63 -14.75 0.07 -14.61
C ASP B 63 -13.77 0.62 -13.59
N SER B 64 -12.54 0.86 -14.05
CA SER B 64 -11.45 1.17 -13.15
C SER B 64 -11.65 2.48 -12.42
N VAL B 65 -12.62 3.26 -12.87
CA VAL B 65 -12.80 4.60 -12.33
C VAL B 65 -14.27 4.88 -11.98
N LYS B 66 -15.14 3.92 -12.29
CA LYS B 66 -16.56 4.06 -11.98
C LYS B 66 -16.81 4.20 -10.49
N GLY B 67 -17.62 5.18 -10.12
CA GLY B 67 -17.99 5.38 -8.73
C GLY B 67 -17.16 6.44 -8.05
N ARG B 68 -15.90 6.57 -8.43
CA ARG B 68 -14.99 7.51 -7.77
C ARG B 68 -14.91 8.83 -8.54
N PHE B 69 -15.21 8.77 -9.84
CA PHE B 69 -15.19 9.96 -10.67
C PHE B 69 -16.58 10.34 -11.16
N THR B 70 -16.75 11.63 -11.47
CA THR B 70 -17.96 12.11 -12.09
C THR B 70 -17.62 13.16 -13.15
N ILE B 71 -18.15 12.99 -14.36
CA ILE B 71 -17.96 13.96 -15.42
C ILE B 71 -19.22 14.79 -15.58
N SER B 72 -19.07 16.04 -16.00
CA SER B 72 -20.22 16.92 -16.21
C SER B 72 -19.82 18.14 -17.04
N ALA B 73 -20.80 18.95 -17.42
CA ALA B 73 -20.53 20.11 -18.25
C ALA B 73 -21.38 21.32 -17.86
N ASP B 74 -20.76 22.50 -17.88
CA ASP B 74 -21.50 23.74 -17.68
C ASP B 74 -21.67 24.47 -19.02
N THR B 75 -22.85 24.34 -19.61
CA THR B 75 -23.13 25.08 -20.83
C THR B 75 -22.72 26.56 -20.71
N SER B 76 -23.22 27.24 -19.68
CA SER B 76 -22.90 28.66 -19.46
C SER B 76 -21.42 28.94 -19.67
N LYS B 77 -20.57 28.15 -19.02
CA LYS B 77 -19.14 28.36 -19.10
C LYS B 77 -18.48 27.61 -20.27
N ASN B 78 -19.28 26.87 -21.04
CA ASN B 78 -18.77 26.06 -22.14
C ASN B 78 -17.57 25.20 -21.73
N THR B 79 -17.68 24.59 -20.55
CA THR B 79 -16.58 23.85 -19.97
C THR B 79 -17.03 22.46 -19.54
N ALA B 80 -16.08 21.53 -19.50
CA ALA B 80 -16.33 20.20 -18.95
C ALA B 80 -15.43 19.95 -17.75
N TYR B 81 -15.97 19.25 -16.75
CA TYR B 81 -15.21 18.96 -15.55
C TYR B 81 -15.13 17.46 -15.32
N LEU B 82 -14.10 17.06 -14.59
CA LEU B 82 -14.02 15.70 -14.09
C LEU B 82 -13.78 15.77 -12.60
N GLN B 83 -14.73 15.31 -11.81
CA GLN B 83 -14.55 15.26 -10.38
C GLN B 83 -13.89 13.95 -10.05
N MET B 84 -12.73 14.03 -9.41
CA MET B 84 -11.97 12.84 -9.07
C MET B 84 -11.87 12.67 -7.56
N ASN B 85 -12.59 11.69 -7.03
CA ASN B 85 -12.56 11.41 -5.60
C ASN B 85 -11.88 10.09 -5.27
N SER B 86 -11.35 10.00 -4.06
CA SER B 86 -10.71 8.77 -3.61
C SER B 86 -9.57 8.40 -4.53
N LEU B 87 -8.74 9.38 -4.86
CA LEU B 87 -7.61 9.14 -5.74
C LEU B 87 -6.62 8.16 -5.12
N ARG B 88 -5.99 7.35 -5.97
CA ARG B 88 -4.93 6.43 -5.53
C ARG B 88 -3.77 6.50 -6.52
N ALA B 89 -2.55 6.39 -5.98
CA ALA B 89 -1.33 6.49 -6.81
C ALA B 89 -1.52 5.82 -8.15
N GLU B 90 -2.17 4.67 -8.10
CA GLU B 90 -2.65 3.98 -9.28
C GLU B 90 -3.21 4.96 -10.35
N ASP B 91 -3.82 6.05 -9.90
CA ASP B 91 -4.47 7.01 -10.80
C ASP B 91 -3.53 8.05 -11.39
N THR B 92 -2.26 8.06 -10.98
CA THR B 92 -1.34 9.06 -11.50
C THR B 92 -1.29 8.95 -13.01
N ALA B 93 -1.41 10.09 -13.69
CA ALA B 93 -1.41 10.08 -15.15
C ALA B 93 -1.53 11.47 -15.77
N VAL B 94 -1.51 11.50 -17.09
CA VAL B 94 -1.84 12.69 -17.84
C VAL B 94 -3.28 12.58 -18.33
N TYR B 95 -4.07 13.62 -18.07
CA TYR B 95 -5.48 13.58 -18.41
C TYR B 95 -5.82 14.52 -19.56
N TYR B 96 -6.26 13.95 -20.68
CA TYR B 96 -6.71 14.74 -21.82
C TYR B 96 -8.22 14.75 -21.88
N CYS B 97 -8.83 15.87 -22.22
CA CYS B 97 -10.22 15.82 -22.66
C CYS B 97 -10.18 15.83 -24.17
N ALA B 98 -11.16 15.18 -24.78
CA ALA B 98 -11.22 15.08 -26.23
C ALA B 98 -12.67 15.18 -26.62
N ARG B 99 -12.93 15.80 -27.77
CA ARG B 99 -14.31 15.87 -28.22
C ARG B 99 -14.58 14.90 -29.36
N GLN B 100 -15.80 14.36 -29.39
CA GLN B 100 -16.22 13.52 -30.49
C GLN B 100 -16.59 14.34 -31.71
N GLY B 101 -16.10 13.90 -32.87
CA GLY B 101 -16.38 14.59 -34.11
C GLY B 101 -17.86 14.62 -34.38
N TYR B 102 -18.25 15.33 -35.42
CA TYR B 102 -19.63 15.31 -35.88
C TYR B 102 -19.86 14.06 -36.71
N ARG B 103 -20.95 13.36 -36.41
CA ARG B 103 -21.27 12.09 -37.04
C ARG B 103 -20.94 12.12 -38.52
N ARG B 104 -21.42 13.16 -39.20
CA ARG B 104 -21.22 13.28 -40.65
C ARG B 104 -19.78 13.53 -41.06
N ARG B 105 -19.02 14.19 -40.19
CA ARG B 105 -17.69 14.64 -40.56
C ARG B 105 -16.58 13.64 -40.20
N SER B 106 -16.72 12.99 -39.05
CA SER B 106 -15.65 12.13 -38.56
C SER B 106 -16.20 10.98 -37.74
N GLY B 107 -17.39 10.50 -38.09
CA GLY B 107 -18.02 9.44 -37.34
C GLY B 107 -17.90 9.63 -35.84
N ARG B 108 -17.45 8.60 -35.14
CA ARG B 108 -17.34 8.66 -33.70
C ARG B 108 -15.90 8.86 -33.28
N GLY B 109 -15.07 9.34 -34.21
CA GLY B 109 -13.67 9.59 -33.89
C GLY B 109 -13.50 10.82 -33.01
N PHE B 110 -12.54 10.76 -32.10
CA PHE B 110 -12.15 11.91 -31.27
C PHE B 110 -11.27 12.85 -32.09
N ASP B 111 -11.86 13.90 -32.66
CA ASP B 111 -11.12 14.75 -33.59
C ASP B 111 -10.26 15.82 -32.95
N TYR B 112 -10.65 16.31 -31.77
CA TYR B 112 -9.88 17.35 -31.10
C TYR B 112 -9.46 16.99 -29.67
N TRP B 113 -8.20 17.23 -29.35
CA TRP B 113 -7.68 16.86 -28.04
C TRP B 113 -7.08 18.04 -27.26
N GLY B 114 -7.09 17.94 -25.95
CA GLY B 114 -6.44 18.95 -25.13
C GLY B 114 -4.96 18.67 -25.05
N GLN B 115 -4.21 19.62 -24.51
CA GLN B 115 -2.78 19.45 -24.35
C GLN B 115 -2.53 18.47 -23.23
N GLY B 116 -3.48 18.40 -22.30
CA GLY B 116 -3.42 17.46 -21.18
C GLY B 116 -2.93 18.11 -19.91
N THR B 117 -3.50 17.72 -18.77
CA THR B 117 -2.97 18.14 -17.47
C THR B 117 -2.40 16.94 -16.76
N LEU B 118 -1.38 17.18 -15.93
CA LEU B 118 -0.73 16.10 -15.22
C LEU B 118 -1.29 16.00 -13.81
N VAL B 119 -1.73 14.80 -13.45
CA VAL B 119 -2.26 14.53 -12.12
C VAL B 119 -1.33 13.57 -11.39
N THR B 120 -0.60 14.08 -10.40
CA THR B 120 0.32 13.25 -9.61
C THR B 120 -0.26 12.90 -8.25
N VAL B 121 -0.46 11.61 -8.01
CA VAL B 121 -1.12 11.16 -6.79
C VAL B 121 -0.14 10.55 -5.80
N SER B 122 0.65 11.38 -5.14
CA SER B 122 1.62 10.86 -4.18
C SER B 122 1.39 11.40 -2.77
N SER B 123 1.91 10.68 -1.79
CA SER B 123 1.86 11.17 -0.41
C SER B 123 3.28 11.43 0.08
N ALA B 124 4.20 11.61 -0.86
CA ALA B 124 5.58 11.94 -0.52
C ALA B 124 5.83 13.45 -0.61
N SER B 125 6.91 13.90 0.00
CA SER B 125 7.20 15.34 0.09
C SER B 125 8.34 15.75 -0.84
N THR B 126 8.32 17.02 -1.24
CA THR B 126 9.35 17.56 -2.13
C THR B 126 10.75 17.45 -1.53
N LYS B 127 11.64 16.75 -2.21
CA LYS B 127 13.00 16.53 -1.73
C LYS B 127 14.01 16.72 -2.85
N GLY B 128 15.11 17.41 -2.54
CA GLY B 128 16.22 17.53 -3.48
C GLY B 128 16.90 16.18 -3.67
N PRO B 129 17.56 15.99 -4.81
CA PRO B 129 18.17 14.70 -5.10
C PRO B 129 19.54 14.52 -4.45
N SER B 130 19.87 13.27 -4.10
CA SER B 130 21.25 12.92 -3.79
C SER B 130 21.95 12.66 -5.11
N VAL B 131 23.24 12.92 -5.18
CA VAL B 131 23.97 12.73 -6.43
C VAL B 131 25.27 11.97 -6.20
N PHE B 132 25.29 10.71 -6.60
CA PHE B 132 26.48 9.88 -6.43
C PHE B 132 27.17 9.65 -7.75
N PRO B 133 28.51 9.61 -7.74
CA PRO B 133 29.29 9.40 -8.95
C PRO B 133 29.30 7.92 -9.30
N LEU B 134 29.23 7.63 -10.60
CA LEU B 134 29.42 6.26 -11.09
C LEU B 134 30.85 6.17 -11.62
N ALA B 135 31.79 5.94 -10.71
CA ALA B 135 33.20 5.96 -11.05
C ALA B 135 33.55 5.00 -12.20
N PRO B 136 34.33 5.49 -13.17
CA PRO B 136 34.80 4.71 -14.31
C PRO B 136 35.88 3.71 -13.92
N SER B 137 35.48 2.52 -13.49
CA SER B 137 36.46 1.53 -13.08
C SER B 137 37.00 0.77 -14.29
N SER B 138 37.78 -0.27 -14.02
CA SER B 138 38.26 -1.15 -15.07
C SER B 138 37.15 -2.11 -15.45
N LYS B 139 36.00 -1.97 -14.79
CA LYS B 139 34.86 -2.84 -15.06
C LYS B 139 33.73 -2.04 -15.69
N SER B 140 34.10 -0.87 -16.20
CA SER B 140 33.19 0.02 -16.88
C SER B 140 33.93 0.54 -18.11
N THR B 141 34.75 -0.33 -18.68
CA THR B 141 35.64 0.06 -19.75
C THR B 141 35.64 -0.98 -20.86
N SER B 142 35.65 -0.53 -22.11
CA SER B 142 35.79 -1.42 -23.26
C SER B 142 36.59 -0.77 -24.38
N GLY B 143 37.62 -1.46 -24.86
CA GLY B 143 38.44 -0.91 -25.93
C GLY B 143 39.18 0.31 -25.42
N GLY B 144 39.16 1.38 -26.20
CA GLY B 144 39.79 2.62 -25.78
C GLY B 144 38.75 3.53 -25.14
N THR B 145 37.63 2.94 -24.76
CA THR B 145 36.50 3.68 -24.22
C THR B 145 36.13 3.25 -22.80
N ALA B 146 35.74 4.21 -21.99
CA ALA B 146 35.30 3.93 -20.64
C ALA B 146 34.05 4.76 -20.34
N ALA B 147 33.07 4.13 -19.71
CA ALA B 147 31.84 4.82 -19.40
C ALA B 147 31.91 5.34 -17.98
N LEU B 148 31.12 6.36 -17.70
CA LEU B 148 31.03 6.94 -16.37
C LEU B 148 29.76 7.78 -16.29
N GLY B 149 29.45 8.29 -15.11
CA GLY B 149 28.23 9.06 -14.94
C GLY B 149 27.87 9.13 -13.47
N CYS B 150 26.78 9.83 -13.17
CA CYS B 150 26.37 9.99 -11.78
C CYS B 150 24.93 9.56 -11.54
N LEU B 151 24.72 8.88 -10.41
CA LEU B 151 23.39 8.42 -10.03
C LEU B 151 22.63 9.51 -9.28
N VAL B 152 21.44 9.84 -9.77
CA VAL B 152 20.61 10.87 -9.16
C VAL B 152 19.45 10.23 -8.42
N LYS B 153 19.63 9.98 -7.12
CA LYS B 153 18.67 9.18 -6.38
C LYS B 153 17.75 9.95 -5.42
N ASP B 154 16.57 9.38 -5.17
CA ASP B 154 15.65 9.87 -4.14
C ASP B 154 15.32 11.36 -4.21
N TYR B 155 14.48 11.73 -5.18
CA TYR B 155 14.03 13.12 -5.30
C TYR B 155 12.57 13.13 -5.74
N PHE B 156 11.93 14.30 -5.64
CA PHE B 156 10.50 14.42 -5.92
C PHE B 156 10.06 15.87 -5.76
N PRO B 157 9.26 16.39 -6.69
CA PRO B 157 8.81 15.74 -7.93
C PRO B 157 9.77 15.88 -9.10
N GLU B 158 9.34 15.40 -10.27
CA GLU B 158 10.06 15.64 -11.50
C GLU B 158 9.82 17.07 -11.91
N PRO B 159 10.65 17.58 -12.84
CA PRO B 159 11.72 16.81 -13.44
C PRO B 159 13.07 17.15 -12.85
N VAL B 160 14.12 16.57 -13.45
CA VAL B 160 15.49 16.94 -13.12
C VAL B 160 16.28 17.07 -14.41
N THR B 161 17.09 18.13 -14.49
CA THR B 161 17.93 18.32 -15.65
C THR B 161 19.35 17.94 -15.29
N VAL B 162 20.09 17.41 -16.26
CA VAL B 162 21.47 17.05 -16.03
C VAL B 162 22.32 17.46 -17.21
N SER B 163 23.53 17.89 -16.93
CA SER B 163 24.44 18.26 -17.99
C SER B 163 25.86 17.87 -17.58
N TRP B 164 26.78 17.90 -18.53
CA TRP B 164 28.16 17.57 -18.23
C TRP B 164 29.09 18.72 -18.57
N ASN B 165 29.87 19.15 -17.58
CA ASN B 165 30.78 20.26 -17.76
C ASN B 165 30.05 21.49 -18.27
N SER B 166 29.04 21.91 -17.52
CA SER B 166 28.25 23.09 -17.86
C SER B 166 27.47 22.92 -19.15
N GLY B 167 27.76 21.88 -19.90
CA GLY B 167 27.06 21.62 -21.15
C GLY B 167 27.97 21.64 -22.36
N ALA B 168 29.27 21.66 -22.11
CA ALA B 168 30.25 21.61 -23.20
C ALA B 168 30.43 20.18 -23.69
N LEU B 169 30.01 19.22 -22.87
CA LEU B 169 30.13 17.80 -23.21
C LEU B 169 28.74 17.20 -23.45
N THR B 170 28.45 16.84 -24.69
CA THR B 170 27.15 16.28 -25.04
C THR B 170 27.24 15.02 -25.89
N SER B 171 28.41 14.80 -26.49
CA SER B 171 28.64 13.62 -27.29
C SER B 171 28.65 12.37 -26.44
N GLY B 172 27.77 11.43 -26.76
CA GLY B 172 27.75 10.14 -26.08
C GLY B 172 27.14 10.18 -24.69
N VAL B 173 26.41 11.26 -24.40
CA VAL B 173 25.71 11.39 -23.13
C VAL B 173 24.34 10.75 -23.22
N HIS B 174 24.04 9.83 -22.32
CA HIS B 174 22.69 9.29 -22.23
C HIS B 174 22.14 9.57 -20.83
N THR B 175 21.02 10.26 -20.76
CA THR B 175 20.35 10.49 -19.49
C THR B 175 19.04 9.72 -19.49
N PHE B 176 18.91 8.76 -18.58
CA PHE B 176 17.76 7.86 -18.62
C PHE B 176 16.51 8.49 -18.03
N PRO B 177 15.34 8.08 -18.54
CA PRO B 177 14.06 8.47 -17.97
C PRO B 177 14.03 8.19 -16.49
N ALA B 178 13.42 9.08 -15.72
CA ALA B 178 13.27 8.86 -14.29
C ALA B 178 12.52 7.56 -14.03
N VAL B 179 12.71 7.02 -12.83
CA VAL B 179 12.05 5.78 -12.46
C VAL B 179 11.48 5.90 -11.06
N LEU B 180 10.18 5.72 -10.93
CA LEU B 180 9.54 5.85 -9.63
C LEU B 180 9.90 4.65 -8.75
N GLN B 181 10.69 4.91 -7.71
CA GLN B 181 11.06 3.87 -6.77
C GLN B 181 9.87 3.47 -5.89
N SER B 182 10.02 2.39 -5.14
CA SER B 182 8.97 1.94 -4.23
C SER B 182 9.01 2.77 -2.96
N SER B 183 10.16 3.38 -2.69
CA SER B 183 10.27 4.33 -1.60
C SER B 183 9.27 5.46 -1.80
N GLY B 184 8.89 5.68 -3.06
CA GLY B 184 7.96 6.76 -3.39
C GLY B 184 8.67 7.89 -4.13
N LEU B 185 9.99 7.98 -3.93
CA LEU B 185 10.80 9.01 -4.59
C LEU B 185 11.31 8.54 -5.94
N TYR B 186 11.84 9.46 -6.72
CA TYR B 186 12.34 9.14 -8.06
C TYR B 186 13.81 8.75 -8.08
N SER B 187 14.29 8.42 -9.26
CA SER B 187 15.67 8.04 -9.46
C SER B 187 15.98 7.95 -10.94
N LEU B 188 17.21 8.30 -11.30
CA LEU B 188 17.69 8.20 -12.66
C LEU B 188 19.17 8.47 -12.64
N SER B 189 19.87 8.05 -13.69
CA SER B 189 21.30 8.34 -13.82
C SER B 189 21.62 8.79 -15.23
N SER B 190 22.62 9.66 -15.35
CA SER B 190 23.09 10.08 -16.64
C SER B 190 24.46 9.48 -16.83
N VAL B 191 24.71 8.96 -18.04
CA VAL B 191 26.01 8.38 -18.31
C VAL B 191 26.61 8.95 -19.58
N VAL B 192 27.90 8.73 -19.74
CA VAL B 192 28.62 9.24 -20.88
C VAL B 192 29.79 8.31 -21.14
N THR B 193 30.28 8.29 -22.37
CA THR B 193 31.42 7.46 -22.69
C THR B 193 32.51 8.34 -23.24
N VAL B 194 33.76 7.98 -22.95
CA VAL B 194 34.88 8.82 -23.34
C VAL B 194 36.17 8.02 -23.50
N PRO B 195 37.15 8.62 -24.18
CA PRO B 195 38.44 7.96 -24.40
C PRO B 195 39.13 7.64 -23.09
N SER B 196 39.50 6.37 -22.89
CA SER B 196 40.20 5.94 -21.69
C SER B 196 41.38 6.83 -21.38
N SER B 197 42.11 7.22 -22.42
CA SER B 197 43.28 8.07 -22.26
C SER B 197 42.99 9.38 -21.52
N SER B 198 41.86 10.00 -21.84
CA SER B 198 41.53 11.31 -21.29
C SER B 198 41.27 11.26 -19.78
N LEU B 199 40.98 10.09 -19.25
CA LEU B 199 40.62 9.96 -17.84
C LEU B 199 41.58 10.67 -16.88
N GLY B 200 42.87 10.63 -17.19
CA GLY B 200 43.87 11.21 -16.31
C GLY B 200 44.04 12.71 -16.48
N THR B 201 43.79 13.20 -17.68
CA THR B 201 43.97 14.61 -17.96
C THR B 201 42.68 15.42 -17.86
N GLN B 202 41.58 14.86 -18.35
CA GLN B 202 40.31 15.59 -18.46
C GLN B 202 39.40 15.48 -17.24
N THR B 203 38.71 16.58 -16.92
CA THR B 203 37.77 16.60 -15.79
C THR B 203 36.33 16.33 -16.23
N TYR B 204 35.57 15.66 -15.36
CA TYR B 204 34.17 15.39 -15.64
C TYR B 204 33.28 15.69 -14.44
N ILE B 205 32.31 16.57 -14.66
CA ILE B 205 31.42 17.03 -13.60
C ILE B 205 29.99 17.07 -14.12
N CYS B 206 29.08 16.41 -13.42
CA CYS B 206 27.69 16.41 -13.86
C CYS B 206 26.85 17.42 -13.08
N ASN B 207 26.41 18.46 -13.78
CA ASN B 207 25.57 19.50 -13.20
C ASN B 207 24.14 19.00 -13.09
N VAL B 208 23.58 19.05 -11.90
CA VAL B 208 22.23 18.53 -11.67
C VAL B 208 21.28 19.61 -11.15
N ASN B 209 20.29 19.97 -11.97
CA ASN B 209 19.27 20.93 -11.57
C ASN B 209 18.00 20.25 -11.09
N HIS B 210 17.35 20.87 -10.12
CA HIS B 210 16.05 20.42 -9.62
C HIS B 210 15.31 21.64 -9.13
N LYS B 211 14.56 22.27 -10.03
CA LYS B 211 13.82 23.48 -9.70
C LYS B 211 12.88 23.29 -8.51
N PRO B 212 11.97 22.31 -8.60
CA PRO B 212 10.98 22.04 -7.57
C PRO B 212 11.53 22.17 -6.14
N SER B 213 12.83 22.00 -5.97
CA SER B 213 13.44 22.13 -4.64
C SER B 213 14.57 23.14 -4.65
N ASN B 214 14.58 24.01 -5.66
CA ASN B 214 15.62 25.01 -5.76
C ASN B 214 16.99 24.43 -5.43
N THR B 215 17.13 23.12 -5.64
CA THR B 215 18.39 22.44 -5.42
C THR B 215 19.26 22.46 -6.66
N LYS B 216 20.57 22.53 -6.46
CA LYS B 216 21.53 22.57 -7.58
C LYS B 216 22.85 21.95 -7.15
N VAL B 217 23.13 20.74 -7.63
CA VAL B 217 24.35 20.02 -7.24
C VAL B 217 25.29 19.79 -8.42
N ASP B 218 26.57 19.64 -8.11
CA ASP B 218 27.57 19.38 -9.13
C ASP B 218 28.61 18.42 -8.60
N LYS B 219 28.38 17.13 -8.81
CA LYS B 219 29.34 16.13 -8.35
C LYS B 219 30.39 15.92 -9.42
N LYS B 220 31.65 15.76 -8.99
CA LYS B 220 32.73 15.46 -9.90
C LYS B 220 32.98 13.96 -9.95
N VAL B 221 32.62 13.34 -11.06
CA VAL B 221 32.86 11.92 -11.23
C VAL B 221 34.34 11.70 -11.48
N GLU B 222 34.90 10.68 -10.87
CA GLU B 222 36.34 10.44 -10.96
C GLU B 222 36.70 9.01 -10.58
N PRO B 223 37.72 8.45 -11.25
CA PRO B 223 38.12 7.07 -10.98
C PRO B 223 38.42 6.87 -9.50
N LYS B 224 37.83 5.85 -8.90
CA LYS B 224 38.08 5.55 -7.48
C LYS B 224 39.41 4.84 -7.28
N SER C 1 -8.61 23.06 16.42
CA SER C 1 -9.82 22.64 15.64
C SER C 1 -10.70 21.71 16.45
N ASP C 2 -10.38 20.42 16.39
CA ASP C 2 -11.20 19.40 17.03
C ASP C 2 -10.76 19.14 18.47
N ILE C 3 -11.72 19.11 19.39
CA ILE C 3 -11.44 18.86 20.80
C ILE C 3 -10.74 17.53 21.04
N GLN C 4 -9.76 17.51 21.96
CA GLN C 4 -9.07 16.27 22.30
C GLN C 4 -9.41 15.81 23.71
N MET C 5 -9.42 14.49 23.91
CA MET C 5 -9.59 13.93 25.24
C MET C 5 -8.36 13.09 25.58
N THR C 6 -7.55 13.58 26.51
CA THR C 6 -6.35 12.86 26.91
C THR C 6 -6.58 12.06 28.18
N GLN C 7 -6.81 10.77 28.02
CA GLN C 7 -7.08 9.89 29.14
C GLN C 7 -5.76 9.37 29.70
N SER C 8 -5.73 9.06 30.99
CA SER C 8 -4.53 8.50 31.59
C SER C 8 -4.82 7.90 32.97
N PRO C 9 -4.03 6.90 33.37
CA PRO C 9 -2.95 6.34 32.57
C PRO C 9 -3.53 5.40 31.52
N SER C 10 -2.71 4.91 30.61
CA SER C 10 -3.19 3.94 29.62
C SER C 10 -3.52 2.61 30.30
N SER C 11 -2.64 2.14 31.17
CA SER C 11 -2.97 1.00 32.01
C SER C 11 -2.79 1.33 33.49
N LEU C 12 -3.25 0.42 34.36
CA LEU C 12 -3.31 0.68 35.79
C LEU C 12 -3.69 -0.61 36.50
N SER C 13 -2.92 -0.99 37.51
CA SER C 13 -3.19 -2.22 38.23
C SER C 13 -3.56 -1.95 39.67
N ALA C 14 -4.55 -2.69 40.14
CA ALA C 14 -5.15 -2.45 41.44
C ALA C 14 -5.62 -3.77 42.01
N SER C 15 -5.96 -3.76 43.29
CA SER C 15 -6.45 -4.93 43.97
C SER C 15 -7.90 -4.71 44.32
N VAL C 16 -8.63 -5.79 44.55
CA VAL C 16 -9.99 -5.65 45.06
C VAL C 16 -9.95 -4.78 46.32
N GLY C 17 -10.91 -3.87 46.43
CA GLY C 17 -10.93 -2.96 47.57
C GLY C 17 -10.30 -1.61 47.26
N ASP C 18 -9.23 -1.62 46.46
CA ASP C 18 -8.56 -0.38 46.07
C ASP C 18 -9.52 0.68 45.58
N ARG C 19 -9.24 1.94 45.90
CA ARG C 19 -9.94 3.06 45.28
C ARG C 19 -9.18 3.48 44.04
N VAL C 20 -9.79 3.28 42.88
CA VAL C 20 -9.14 3.54 41.61
C VAL C 20 -9.60 4.85 40.99
N THR C 21 -8.67 5.53 40.32
CA THR C 21 -8.96 6.82 39.71
C THR C 21 -8.45 6.94 38.26
N ILE C 22 -9.34 7.33 37.35
CA ILE C 22 -8.96 7.54 35.96
C ILE C 22 -9.23 8.98 35.56
N THR C 23 -8.28 9.59 34.88
CA THR C 23 -8.36 11.01 34.58
C THR C 23 -8.39 11.23 33.08
N CYS C 24 -9.07 12.30 32.68
CA CYS C 24 -9.21 12.63 31.26
C CYS C 24 -9.22 14.15 31.12
N ARG C 25 -8.27 14.70 30.35
CA ARG C 25 -8.14 16.14 30.17
C ARG C 25 -8.55 16.59 28.77
N ALA C 26 -9.56 17.47 28.70
CA ALA C 26 -10.02 18.03 27.44
C ALA C 26 -9.11 19.15 26.96
N SER C 27 -8.81 19.16 25.66
CA SER C 27 -7.87 20.11 25.09
C SER C 27 -8.44 21.52 25.09
N GLN C 28 -9.68 21.65 25.51
CA GLN C 28 -10.35 22.94 25.59
C GLN C 28 -11.74 22.73 26.19
N SER C 29 -12.30 23.77 26.77
CA SER C 29 -13.57 23.62 27.51
C SER C 29 -14.57 22.75 26.79
N VAL C 30 -15.22 21.88 27.55
CA VAL C 30 -16.22 20.98 27.03
C VAL C 30 -17.46 21.12 27.89
N SER C 31 -17.47 22.18 28.69
CA SER C 31 -18.48 22.33 29.71
C SER C 31 -18.57 21.03 30.52
N SER C 32 -19.70 20.34 30.45
CA SER C 32 -19.88 19.09 31.21
C SER C 32 -20.30 17.94 30.31
N ALA C 33 -20.24 18.14 29.00
CA ALA C 33 -20.70 17.13 28.07
C ALA C 33 -19.71 15.99 28.00
N VAL C 34 -19.50 15.31 29.12
CA VAL C 34 -18.59 14.17 29.15
C VAL C 34 -19.27 12.92 29.68
N ALA C 35 -18.97 11.78 29.07
CA ALA C 35 -19.50 10.50 29.54
C ALA C 35 -18.37 9.51 29.77
N TRP C 36 -18.63 8.49 30.58
CA TRP C 36 -17.65 7.44 30.81
C TRP C 36 -18.26 6.09 30.46
N TYR C 37 -17.44 5.19 29.93
CA TYR C 37 -17.91 3.87 29.54
C TYR C 37 -16.98 2.76 30.01
N GLN C 38 -17.57 1.62 30.31
CA GLN C 38 -16.81 0.43 30.65
C GLN C 38 -16.86 -0.51 29.45
N GLN C 39 -15.76 -1.18 29.15
CA GLN C 39 -15.82 -2.19 28.10
C GLN C 39 -15.03 -3.43 28.47
N LYS C 40 -15.53 -4.58 28.08
CA LYS C 40 -14.86 -5.84 28.36
C LYS C 40 -14.60 -6.58 27.07
N PRO C 41 -13.46 -7.30 27.00
CA PRO C 41 -12.98 -7.90 25.77
C PRO C 41 -14.08 -8.43 24.87
N GLY C 42 -14.15 -7.89 23.66
CA GLY C 42 -15.10 -8.31 22.66
C GLY C 42 -16.53 -8.20 23.14
N LYS C 43 -16.87 -7.05 23.71
CA LYS C 43 -18.25 -6.82 24.13
C LYS C 43 -18.59 -5.34 24.14
N ALA C 44 -19.85 -5.02 23.84
CA ALA C 44 -20.27 -3.63 23.74
C ALA C 44 -19.91 -2.85 24.98
N PRO C 45 -19.54 -1.58 24.80
CA PRO C 45 -19.24 -0.69 25.91
C PRO C 45 -20.50 -0.40 26.69
N LYS C 46 -20.35 -0.02 27.95
CA LYS C 46 -21.49 0.28 28.79
C LYS C 46 -21.37 1.65 29.45
N LEU C 47 -22.47 2.40 29.42
CA LEU C 47 -22.49 3.73 29.99
C LEU C 47 -22.45 3.69 31.51
N LEU C 48 -21.57 4.50 32.10
CA LEU C 48 -21.44 4.57 33.56
C LEU C 48 -21.83 5.95 34.07
N ILE C 49 -21.23 6.98 33.50
CA ILE C 49 -21.46 8.35 33.92
C ILE C 49 -21.87 9.21 32.73
N TYR C 50 -22.77 10.15 32.95
CA TYR C 50 -23.14 11.06 31.90
C TYR C 50 -23.19 12.48 32.44
N SER C 51 -23.08 13.46 31.54
CA SER C 51 -23.08 14.85 31.93
C SER C 51 -22.01 15.10 32.95
N ALA C 52 -20.91 14.36 32.87
CA ALA C 52 -19.73 14.64 33.68
C ALA C 52 -19.71 14.02 35.08
N SER C 53 -20.85 14.00 35.75
CA SER C 53 -20.87 13.56 37.15
C SER C 53 -22.12 12.78 37.54
N SER C 54 -23.08 12.70 36.62
CA SER C 54 -24.28 11.92 36.87
C SER C 54 -24.05 10.42 36.70
N LEU C 55 -24.47 9.67 37.71
CA LEU C 55 -24.38 8.22 37.68
C LEU C 55 -25.52 7.67 36.84
N TYR C 56 -25.20 6.90 35.82
CA TYR C 56 -26.23 6.39 34.92
C TYR C 56 -27.06 5.35 35.66
N SER C 57 -28.36 5.36 35.39
CA SER C 57 -29.28 4.48 36.08
C SER C 57 -28.85 3.04 35.91
N GLY C 58 -29.00 2.25 36.96
CA GLY C 58 -28.58 0.87 36.92
C GLY C 58 -27.16 0.64 37.39
N VAL C 59 -26.31 1.65 37.28
CA VAL C 59 -24.91 1.51 37.68
C VAL C 59 -24.70 1.61 39.19
N PRO C 60 -23.81 0.77 39.73
CA PRO C 60 -23.43 0.70 41.14
C PRO C 60 -22.90 2.04 41.62
N SER C 61 -23.27 2.41 42.84
CA SER C 61 -22.91 3.71 43.36
C SER C 61 -21.43 3.86 43.69
N ARG C 62 -20.68 2.76 43.71
CA ARG C 62 -19.24 2.90 43.93
C ARG C 62 -18.60 3.70 42.80
N PHE C 63 -19.24 3.66 41.62
CA PHE C 63 -18.79 4.43 40.47
C PHE C 63 -19.18 5.90 40.62
N SER C 64 -18.32 6.81 40.16
CA SER C 64 -18.61 8.24 40.24
C SER C 64 -17.81 9.01 39.20
N GLY C 65 -18.20 10.26 38.97
CA GLY C 65 -17.47 11.11 38.06
C GLY C 65 -17.45 12.52 38.62
N SER C 66 -16.38 13.26 38.37
CA SER C 66 -16.34 14.63 38.85
C SER C 66 -15.70 15.52 37.79
N ARG C 67 -15.96 16.83 37.88
CA ARG C 67 -15.38 17.76 36.93
C ARG C 67 -14.71 18.94 37.61
N SER C 68 -13.41 19.07 37.43
CA SER C 68 -12.72 20.30 37.81
C SER C 68 -12.23 20.98 36.53
N GLY C 69 -12.87 22.08 36.16
CA GLY C 69 -12.51 22.82 34.96
C GLY C 69 -12.66 21.98 33.70
N THR C 70 -11.55 21.70 33.04
CA THR C 70 -11.56 20.88 31.83
C THR C 70 -11.00 19.51 32.12
N ASP C 71 -10.85 19.18 33.39
CA ASP C 71 -10.37 17.87 33.81
C ASP C 71 -11.47 17.01 34.41
N PHE C 72 -11.54 15.77 33.93
CA PHE C 72 -12.64 14.87 34.27
C PHE C 72 -12.09 13.55 34.77
N THR C 73 -12.52 13.13 35.98
CA THR C 73 -12.06 11.88 36.54
C THR C 73 -13.20 10.98 36.96
N LEU C 74 -13.04 9.70 36.67
CA LEU C 74 -13.98 8.65 37.05
C LEU C 74 -13.41 7.88 38.24
N THR C 75 -14.20 7.71 39.29
CA THR C 75 -13.71 7.02 40.48
C THR C 75 -14.49 5.77 40.82
N ILE C 76 -13.81 4.83 41.47
CA ILE C 76 -14.45 3.63 41.99
C ILE C 76 -14.10 3.46 43.47
N SER C 77 -15.04 3.77 44.36
CA SER C 77 -14.82 3.70 45.82
C SER C 77 -14.01 2.48 46.15
N SER C 78 -14.51 1.33 45.71
CA SER C 78 -14.03 0.05 46.18
C SER C 78 -14.06 -0.95 45.04
N LEU C 79 -12.90 -1.17 44.42
CA LEU C 79 -12.83 -2.00 43.22
C LEU C 79 -13.38 -3.38 43.48
N GLN C 80 -14.17 -3.88 42.54
CA GLN C 80 -14.78 -5.19 42.64
C GLN C 80 -14.29 -6.04 41.49
N PRO C 81 -14.33 -7.37 41.66
CA PRO C 81 -13.86 -8.29 40.63
C PRO C 81 -14.45 -8.04 39.24
N GLU C 82 -15.69 -7.60 39.16
CA GLU C 82 -16.28 -7.35 37.84
C GLU C 82 -15.74 -6.08 37.20
N ASP C 83 -14.99 -5.29 37.97
CA ASP C 83 -14.59 -3.97 37.51
C ASP C 83 -13.32 -3.97 36.68
N PHE C 84 -12.53 -5.03 36.80
CA PHE C 84 -11.39 -5.20 35.92
C PHE C 84 -11.92 -5.23 34.49
N ALA C 85 -11.52 -4.23 33.72
CA ALA C 85 -12.08 -3.95 32.40
C ALA C 85 -11.34 -2.74 31.86
N THR C 86 -11.77 -2.21 30.72
CA THR C 86 -11.19 -0.97 30.20
C THR C 86 -12.22 0.15 30.25
N TYR C 87 -11.76 1.38 30.42
CA TYR C 87 -12.68 2.51 30.57
C TYR C 87 -12.35 3.64 29.60
N TYR C 88 -13.39 4.32 29.12
CA TYR C 88 -13.22 5.39 28.15
C TYR C 88 -14.00 6.63 28.57
N CYS C 89 -13.35 7.79 28.59
CA CYS C 89 -14.07 9.07 28.66
C CYS C 89 -14.48 9.44 27.24
N GLN C 90 -15.59 10.17 27.12
CA GLN C 90 -16.02 10.67 25.82
C GLN C 90 -16.62 12.05 25.96
N GLN C 91 -16.29 12.92 25.00
CA GLN C 91 -16.85 14.26 24.98
C GLN C 91 -17.88 14.40 23.87
N SER C 92 -18.99 15.04 24.19
CA SER C 92 -20.06 15.25 23.24
C SER C 92 -20.53 16.70 23.30
N TYR C 93 -19.57 17.60 23.44
CA TYR C 93 -19.83 19.04 23.49
C TYR C 93 -19.83 19.62 22.08
N SER C 94 -18.99 19.05 21.22
CA SER C 94 -18.80 19.55 19.88
C SER C 94 -18.54 18.40 18.92
N PHE C 95 -18.92 18.56 17.66
CA PHE C 95 -18.63 17.57 16.63
C PHE C 95 -17.37 17.96 15.89
N PRO C 96 -16.56 16.98 15.50
CA PRO C 96 -16.79 15.57 15.76
C PRO C 96 -16.54 15.21 17.22
N SER C 97 -17.17 14.14 17.70
CA SER C 97 -16.93 13.63 19.06
C SER C 97 -15.57 12.97 19.14
N THR C 98 -15.12 12.66 20.35
CA THR C 98 -13.84 11.98 20.53
C THR C 98 -13.84 11.21 21.84
N PHE C 99 -13.22 10.04 21.84
CA PHE C 99 -13.04 9.27 23.06
C PHE C 99 -11.60 9.40 23.53
N GLY C 100 -11.36 9.21 24.82
CA GLY C 100 -10.00 9.12 25.35
C GLY C 100 -9.38 7.81 24.88
N GLN C 101 -8.06 7.67 24.96
CA GLN C 101 -7.42 6.44 24.46
C GLN C 101 -7.82 5.17 25.22
N GLY C 102 -8.30 5.31 26.45
CA GLY C 102 -8.77 4.15 27.21
C GLY C 102 -7.83 3.80 28.35
N THR C 103 -8.39 3.31 29.44
CA THR C 103 -7.61 2.86 30.58
C THR C 103 -7.98 1.43 30.95
N LYS C 104 -6.99 0.55 30.88
CA LYS C 104 -7.19 -0.83 31.27
C LYS C 104 -6.91 -1.00 32.77
N VAL C 105 -7.92 -1.42 33.51
CA VAL C 105 -7.72 -1.69 34.92
C VAL C 105 -7.40 -3.17 35.11
N GLU C 106 -6.16 -3.46 35.50
CA GLU C 106 -5.68 -4.82 35.61
C GLU C 106 -5.54 -5.28 37.05
N ILE C 107 -5.40 -6.58 37.27
CA ILE C 107 -5.21 -7.12 38.62
C ILE C 107 -3.75 -7.01 39.09
N LYS C 108 -3.54 -6.43 40.26
CA LYS C 108 -2.20 -6.32 40.81
C LYS C 108 -1.73 -7.63 41.42
N ARG C 109 -0.44 -7.91 41.30
CA ARG C 109 0.15 -9.10 41.91
C ARG C 109 1.64 -8.83 42.06
N THR C 110 2.32 -9.65 42.84
CA THR C 110 3.77 -9.48 43.05
C THR C 110 4.55 -9.69 41.75
N VAL C 111 5.67 -8.99 41.63
CA VAL C 111 6.48 -9.05 40.43
C VAL C 111 6.88 -10.49 40.12
N ALA C 112 6.99 -10.81 38.83
CA ALA C 112 7.47 -12.12 38.39
C ALA C 112 8.30 -11.97 37.13
N ALA C 113 9.55 -12.42 37.17
CA ALA C 113 10.42 -12.34 36.01
C ALA C 113 10.01 -13.36 34.96
N PRO C 114 10.19 -13.02 33.67
CA PRO C 114 9.82 -13.97 32.65
C PRO C 114 10.84 -15.08 32.53
N SER C 115 10.38 -16.29 32.21
CA SER C 115 11.27 -17.34 31.73
C SER C 115 11.43 -17.02 30.26
N VAL C 116 12.58 -17.34 29.68
CA VAL C 116 12.82 -16.97 28.29
C VAL C 116 13.32 -18.13 27.44
N PHE C 117 12.49 -18.50 26.47
CA PHE C 117 12.80 -19.64 25.61
C PHE C 117 12.91 -19.17 24.18
N ILE C 118 13.74 -19.85 23.39
CA ILE C 118 13.92 -19.47 22.01
C ILE C 118 13.82 -20.69 21.10
N PHE C 119 13.09 -20.52 20.01
CA PHE C 119 12.87 -21.59 19.07
C PHE C 119 13.38 -21.15 17.71
N PRO C 120 14.22 -21.99 17.08
CA PRO C 120 14.70 -21.71 15.73
C PRO C 120 13.68 -22.17 14.71
N PRO C 121 13.78 -21.69 13.46
CA PRO C 121 12.82 -22.13 12.45
C PRO C 121 12.94 -23.64 12.25
N SER C 122 11.81 -24.30 12.01
CA SER C 122 11.82 -25.74 11.78
C SER C 122 12.36 -26.05 10.39
N ASP C 123 12.94 -27.23 10.22
CA ASP C 123 13.45 -27.62 8.92
C ASP C 123 12.34 -27.55 7.90
N GLU C 124 11.16 -27.99 8.32
CA GLU C 124 9.98 -27.94 7.49
C GLU C 124 9.79 -26.53 6.93
N GLN C 125 9.61 -25.55 7.81
CA GLN C 125 9.38 -24.19 7.36
C GLN C 125 10.50 -23.68 6.47
N LEU C 126 11.66 -24.30 6.58
CA LEU C 126 12.80 -23.87 5.78
C LEU C 126 12.63 -24.33 4.33
N LYS C 127 12.40 -25.62 4.16
CA LYS C 127 12.05 -26.18 2.87
C LYS C 127 10.99 -25.32 2.18
N SER C 128 10.17 -24.65 2.97
CA SER C 128 9.08 -23.83 2.44
C SER C 128 9.56 -22.56 1.73
N GLY C 129 10.50 -21.84 2.32
CA GLY C 129 11.01 -20.61 1.70
C GLY C 129 11.16 -19.41 2.62
N THR C 130 10.53 -19.47 3.80
CA THR C 130 10.69 -18.41 4.79
C THR C 130 11.10 -19.00 6.14
N ALA C 131 11.63 -18.15 7.02
CA ALA C 131 12.11 -18.59 8.31
C ALA C 131 11.58 -17.71 9.44
N SER C 132 10.94 -18.32 10.41
CA SER C 132 10.44 -17.58 11.57
C SER C 132 11.18 -17.99 12.84
N VAL C 133 11.67 -17.00 13.58
CA VAL C 133 12.35 -17.27 14.84
C VAL C 133 11.51 -16.80 16.02
N VAL C 134 11.17 -17.71 16.92
CA VAL C 134 10.26 -17.38 17.99
C VAL C 134 10.95 -17.26 19.34
N CYS C 135 10.63 -16.18 20.04
CA CYS C 135 11.22 -15.88 21.35
C CYS C 135 10.07 -15.76 22.34
N LEU C 136 10.07 -16.61 23.35
CA LEU C 136 8.94 -16.70 24.27
C LEU C 136 9.24 -16.19 25.68
N LEU C 137 8.55 -15.12 26.08
CA LEU C 137 8.58 -14.68 27.47
C LEU C 137 7.38 -15.26 28.18
N ASN C 138 7.61 -16.08 29.19
CA ASN C 138 6.52 -16.84 29.76
C ASN C 138 6.25 -16.52 31.21
N ASN C 139 4.96 -16.36 31.53
CA ASN C 139 4.49 -16.22 32.91
C ASN C 139 5.23 -15.17 33.71
N PHE C 140 4.92 -13.90 33.44
CA PHE C 140 5.67 -12.79 34.00
C PHE C 140 4.77 -11.60 34.34
N TYR C 141 5.27 -10.72 35.22
CA TYR C 141 4.51 -9.57 35.67
C TYR C 141 5.46 -8.52 36.26
N PRO C 142 5.17 -7.23 36.03
CA PRO C 142 4.01 -6.70 35.32
C PRO C 142 4.15 -6.89 33.82
N ARG C 143 3.31 -6.20 33.07
CA ARG C 143 3.28 -6.39 31.62
C ARG C 143 4.43 -5.74 30.89
N GLU C 144 4.75 -4.50 31.25
CA GLU C 144 5.80 -3.76 30.57
C GLU C 144 7.05 -4.63 30.49
N ALA C 145 7.50 -4.90 29.26
CA ALA C 145 8.68 -5.70 29.01
C ALA C 145 9.35 -5.19 27.74
N LYS C 146 10.47 -5.78 27.35
CA LYS C 146 11.16 -5.27 26.19
C LYS C 146 11.98 -6.35 25.51
N VAL C 147 11.59 -6.71 24.30
CA VAL C 147 12.34 -7.70 23.55
C VAL C 147 13.05 -7.06 22.37
N GLN C 148 14.35 -7.31 22.26
CA GLN C 148 15.10 -6.88 21.09
C GLN C 148 15.74 -8.06 20.39
N TRP C 149 15.71 -8.04 19.06
CA TRP C 149 16.34 -9.10 18.28
C TRP C 149 17.73 -8.69 17.80
N LYS C 150 18.66 -9.64 17.80
CA LYS C 150 19.99 -9.38 17.26
C LYS C 150 20.53 -10.60 16.54
N VAL C 151 20.84 -10.44 15.25
CA VAL C 151 21.48 -11.51 14.50
C VAL C 151 22.92 -11.12 14.15
N ASP C 152 23.85 -11.98 14.51
CA ASP C 152 25.27 -11.67 14.40
C ASP C 152 25.53 -10.33 15.07
N ASN C 153 24.77 -10.10 16.14
CA ASN C 153 24.93 -8.91 16.98
C ASN C 153 24.41 -7.63 16.36
N ALA C 154 23.74 -7.73 15.22
CA ALA C 154 23.10 -6.60 14.60
C ALA C 154 21.71 -6.45 15.20
N LEU C 155 21.34 -5.24 15.60
CA LEU C 155 20.00 -5.00 16.12
C LEU C 155 18.93 -5.03 15.03
N GLN C 156 18.13 -6.08 15.05
CA GLN C 156 17.02 -6.20 14.12
C GLN C 156 16.02 -5.06 14.33
N SER C 157 15.23 -4.77 13.30
CA SER C 157 14.29 -3.67 13.38
C SER C 157 13.17 -3.78 12.34
N GLY C 158 11.93 -3.59 12.80
CA GLY C 158 10.77 -3.66 11.91
C GLY C 158 10.72 -4.91 11.06
N ASN C 159 11.20 -6.03 11.60
CA ASN C 159 11.10 -7.30 10.91
C ASN C 159 10.69 -8.40 11.88
N SER C 160 10.00 -7.98 12.94
CA SER C 160 9.53 -8.91 13.95
C SER C 160 8.30 -8.32 14.61
N GLN C 161 7.35 -9.18 14.98
CA GLN C 161 6.17 -8.74 15.71
C GLN C 161 5.99 -9.57 16.97
N GLU C 162 5.15 -9.09 17.89
CA GLU C 162 4.92 -9.80 19.13
C GLU C 162 3.46 -9.79 19.53
N SER C 163 3.08 -10.74 20.38
CA SER C 163 1.72 -10.84 20.83
C SER C 163 1.69 -11.17 22.32
N VAL C 164 0.62 -10.75 22.99
CA VAL C 164 0.56 -10.86 24.44
C VAL C 164 -0.74 -11.47 24.91
N THR C 165 -0.65 -12.36 25.90
CA THR C 165 -1.83 -13.02 26.45
C THR C 165 -2.55 -12.12 27.44
N GLU C 166 -3.74 -12.51 27.83
CA GLU C 166 -4.45 -11.80 28.87
C GLU C 166 -3.90 -12.24 30.20
N GLN C 167 -4.19 -11.49 31.24
CA GLN C 167 -3.75 -11.92 32.55
C GLN C 167 -4.29 -13.32 32.75
N ASP C 168 -3.46 -14.22 33.25
CA ASP C 168 -3.88 -15.60 33.43
C ASP C 168 -4.89 -15.73 34.56
N SER C 169 -6.04 -16.33 34.26
CA SER C 169 -7.08 -16.51 35.26
C SER C 169 -6.53 -17.28 36.46
N LYS C 170 -5.32 -17.80 36.32
CA LYS C 170 -4.71 -18.63 37.35
C LYS C 170 -3.80 -17.83 38.26
N ASP C 171 -2.72 -17.32 37.68
CA ASP C 171 -1.72 -16.61 38.45
C ASP C 171 -1.59 -15.14 38.07
N SER C 172 -2.54 -14.65 37.29
CA SER C 172 -2.57 -13.24 36.92
C SER C 172 -1.34 -12.76 36.15
N THR C 173 -0.60 -13.70 35.57
CA THR C 173 0.61 -13.33 34.83
C THR C 173 0.35 -13.14 33.34
N TYR C 174 1.34 -12.58 32.66
CA TYR C 174 1.30 -12.44 31.22
C TYR C 174 2.33 -13.35 30.56
N SER C 175 2.05 -13.78 29.34
CA SER C 175 3.05 -14.48 28.55
C SER C 175 3.11 -13.79 27.21
N LEU C 176 4.31 -13.66 26.64
CA LEU C 176 4.49 -12.88 25.43
C LEU C 176 5.40 -13.57 24.41
N SER C 177 5.02 -13.50 23.14
CA SER C 177 5.79 -14.12 22.08
C SER C 177 6.23 -13.08 21.06
N SER C 178 7.53 -13.10 20.75
CA SER C 178 8.07 -12.24 19.71
C SER C 178 8.54 -13.11 18.55
N THR C 179 8.11 -12.79 17.33
CA THR C 179 8.51 -13.59 16.19
C THR C 179 9.30 -12.78 15.19
N LEU C 180 10.47 -13.32 14.82
CA LEU C 180 11.36 -12.68 13.88
C LEU C 180 11.20 -13.40 12.55
N THR C 181 11.13 -12.64 11.47
CA THR C 181 10.92 -13.21 10.14
C THR C 181 12.02 -12.85 9.15
N LEU C 182 12.65 -13.88 8.61
CA LEU C 182 13.73 -13.71 7.65
C LEU C 182 13.41 -14.46 6.38
N SER C 183 13.99 -14.02 5.27
CA SER C 183 13.98 -14.84 4.06
C SER C 183 14.98 -15.97 4.29
N LYS C 184 14.72 -17.13 3.70
CA LYS C 184 15.64 -18.26 3.89
C LYS C 184 17.08 -17.84 3.58
N ALA C 185 17.22 -16.90 2.65
CA ALA C 185 18.53 -16.35 2.26
C ALA C 185 19.15 -15.60 3.42
N ASP C 186 18.47 -14.58 3.90
CA ASP C 186 18.91 -13.82 5.05
C ASP C 186 19.27 -14.76 6.19
N TYR C 187 18.40 -15.73 6.45
CA TYR C 187 18.60 -16.66 7.55
C TYR C 187 19.85 -17.49 7.36
N GLU C 188 19.98 -18.12 6.20
CA GLU C 188 21.10 -19.02 5.96
C GLU C 188 22.46 -18.32 6.05
N LYS C 189 22.50 -17.01 5.85
CA LYS C 189 23.76 -16.28 5.91
C LYS C 189 24.30 -16.26 7.33
N HIS C 190 23.56 -15.62 8.23
CA HIS C 190 24.01 -15.38 9.59
C HIS C 190 24.02 -16.62 10.49
N LYS C 191 24.92 -16.67 11.48
CA LYS C 191 25.02 -17.86 12.34
C LYS C 191 24.32 -17.76 13.71
N VAL C 192 24.55 -16.67 14.44
CA VAL C 192 24.01 -16.58 15.79
C VAL C 192 22.76 -15.70 15.90
N TYR C 193 21.67 -16.28 16.41
CA TYR C 193 20.42 -15.55 16.62
C TYR C 193 20.10 -15.44 18.11
N ALA C 194 19.65 -14.26 18.54
CA ALA C 194 19.37 -14.01 19.95
C ALA C 194 18.29 -12.94 20.17
N CYS C 195 17.50 -13.13 21.23
CA CYS C 195 16.65 -12.05 21.73
C CYS C 195 17.11 -11.62 23.14
N GLU C 196 17.04 -10.32 23.41
CA GLU C 196 17.39 -9.74 24.71
C GLU C 196 16.13 -9.28 25.40
N VAL C 197 15.88 -9.83 26.58
CA VAL C 197 14.70 -9.45 27.32
C VAL C 197 15.07 -8.50 28.44
N THR C 198 14.32 -7.41 28.52
CA THR C 198 14.44 -6.50 29.64
C THR C 198 13.11 -6.48 30.38
N HIS C 199 13.13 -6.93 31.63
CA HIS C 199 11.92 -6.88 32.44
C HIS C 199 12.27 -6.44 33.84
N GLN C 200 11.33 -5.79 34.51
CA GLN C 200 11.54 -5.30 35.86
C GLN C 200 11.95 -6.45 36.78
N GLY C 201 11.51 -7.65 36.45
CA GLY C 201 11.84 -8.83 37.24
C GLY C 201 13.30 -9.26 37.18
N LEU C 202 14.00 -8.85 36.12
CA LEU C 202 15.39 -9.27 35.91
C LEU C 202 16.34 -8.15 36.31
N SER C 203 17.34 -8.44 37.13
CA SER C 203 18.21 -7.37 37.58
C SER C 203 19.17 -6.96 36.48
N SER C 204 19.18 -7.70 35.37
CA SER C 204 19.89 -7.29 34.16
C SER C 204 19.39 -8.11 32.97
N PRO C 205 19.29 -7.49 31.79
CA PRO C 205 18.75 -8.08 30.58
C PRO C 205 19.16 -9.54 30.36
N VAL C 206 18.20 -10.38 29.98
CA VAL C 206 18.49 -11.77 29.65
C VAL C 206 18.67 -11.96 28.14
N THR C 207 19.72 -12.68 27.76
CA THR C 207 19.95 -12.99 26.35
C THR C 207 19.90 -14.49 26.11
N LYS C 208 18.90 -14.90 25.35
CA LYS C 208 18.74 -16.29 24.98
C LYS C 208 19.03 -16.37 23.49
N SER C 209 19.92 -17.25 23.07
CA SER C 209 20.29 -17.34 21.65
C SER C 209 20.72 -18.73 21.20
N PHE C 210 20.83 -18.93 19.89
CA PHE C 210 21.24 -20.21 19.30
C PHE C 210 22.04 -19.99 18.02
N ASN C 211 22.70 -21.04 17.54
CA ASN C 211 23.43 -21.00 16.26
C ASN C 211 22.81 -21.92 15.21
N ARG C 212 22.63 -21.42 13.99
CA ARG C 212 22.08 -22.29 12.96
C ARG C 212 22.79 -23.65 12.96
N GLY C 213 22.01 -24.72 13.08
CA GLY C 213 22.55 -26.08 13.01
C GLY C 213 23.46 -26.47 14.17
N SER D 1 -33.80 -3.33 28.02
CA SER D 1 -35.08 -3.96 28.46
C SER D 1 -35.83 -4.49 27.24
N GLU D 2 -36.58 -3.59 26.61
CA GLU D 2 -37.19 -3.86 25.33
C GLU D 2 -36.40 -3.11 24.26
N VAL D 3 -35.70 -2.06 24.68
CA VAL D 3 -34.83 -1.32 23.76
C VAL D 3 -33.68 -2.20 23.31
N GLN D 4 -33.44 -2.27 22.01
CA GLN D 4 -32.41 -3.14 21.48
C GLN D 4 -31.89 -2.70 20.10
N LEU D 5 -30.59 -2.91 19.88
CA LEU D 5 -29.97 -2.60 18.59
C LEU D 5 -29.21 -3.80 18.04
N VAL D 6 -29.45 -4.12 16.78
CA VAL D 6 -28.81 -5.28 16.16
C VAL D 6 -28.31 -4.90 14.78
N GLU D 7 -27.00 -4.80 14.64
CA GLU D 7 -26.41 -4.44 13.35
C GLU D 7 -26.15 -5.66 12.48
N SER D 8 -25.95 -5.42 11.19
CA SER D 8 -25.66 -6.47 10.23
C SER D 8 -25.12 -5.82 8.97
N GLY D 9 -24.54 -6.63 8.10
CA GLY D 9 -24.02 -6.15 6.82
C GLY D 9 -22.51 -6.14 6.74
N GLY D 10 -21.86 -6.46 7.86
CA GLY D 10 -20.41 -6.50 7.89
C GLY D 10 -19.93 -7.77 7.23
N GLY D 11 -18.73 -7.74 6.66
CA GLY D 11 -18.18 -8.92 6.01
C GLY D 11 -16.80 -8.68 5.49
N LEU D 12 -16.45 -9.38 4.42
CA LEU D 12 -15.13 -9.26 3.83
C LEU D 12 -15.24 -8.42 2.56
N VAL D 13 -14.29 -7.52 2.33
CA VAL D 13 -14.36 -6.67 1.15
C VAL D 13 -12.98 -6.21 0.70
N GLN D 14 -12.76 -6.14 -0.61
CA GLN D 14 -11.50 -5.61 -1.13
C GLN D 14 -11.39 -4.13 -0.83
N PRO D 15 -10.14 -3.62 -0.74
CA PRO D 15 -9.93 -2.20 -0.55
C PRO D 15 -10.60 -1.45 -1.69
N GLY D 16 -10.89 -0.16 -1.47
CA GLY D 16 -11.59 0.64 -2.47
C GLY D 16 -13.02 0.16 -2.67
N GLY D 17 -13.24 -1.12 -2.40
CA GLY D 17 -14.58 -1.70 -2.49
C GLY D 17 -15.57 -0.96 -1.61
N SER D 18 -16.76 -1.54 -1.44
CA SER D 18 -17.83 -0.86 -0.73
C SER D 18 -18.74 -1.84 0.04
N LEU D 19 -19.36 -1.33 1.10
CA LEU D 19 -20.15 -2.15 2.00
C LEU D 19 -21.11 -1.28 2.79
N ARG D 20 -22.28 -1.81 3.13
CA ARG D 20 -23.27 -1.03 3.87
C ARG D 20 -23.82 -1.72 5.11
N LEU D 21 -23.53 -1.14 6.26
CA LEU D 21 -24.03 -1.66 7.51
C LEU D 21 -25.44 -1.14 7.78
N SER D 22 -26.22 -1.94 8.49
CA SER D 22 -27.53 -1.51 8.93
C SER D 22 -27.67 -1.80 10.41
N CYS D 23 -28.50 -1.02 11.07
CA CYS D 23 -28.70 -1.14 12.49
C CYS D 23 -30.20 -1.14 12.75
N ALA D 24 -30.77 -2.34 12.92
CA ALA D 24 -32.21 -2.46 13.14
C ALA D 24 -32.53 -2.12 14.58
N ALA D 25 -33.41 -1.13 14.78
CA ALA D 25 -33.71 -0.67 16.13
C ALA D 25 -35.11 -1.05 16.57
N SER D 26 -35.21 -1.81 17.65
CA SER D 26 -36.51 -2.10 18.26
C SER D 26 -36.59 -1.55 19.68
N GLY D 27 -37.80 -1.38 20.18
CA GLY D 27 -38.00 -0.87 21.54
C GLY D 27 -38.15 0.64 21.64
N PHE D 28 -38.05 1.34 20.51
CA PHE D 28 -38.25 2.78 20.53
C PHE D 28 -38.28 3.38 19.13
N TYR D 29 -38.89 4.55 19.02
CA TYR D 29 -38.94 5.27 17.76
C TYR D 29 -37.60 5.89 17.40
N ILE D 30 -36.87 5.24 16.49
CA ILE D 30 -35.56 5.73 16.07
C ILE D 30 -35.51 7.23 15.80
N SER D 31 -36.63 7.80 15.37
CA SER D 31 -36.61 9.18 14.90
C SER D 31 -36.59 10.26 15.99
N TYR D 32 -36.64 9.85 17.24
CA TYR D 32 -36.57 10.82 18.33
C TYR D 32 -35.25 10.74 19.10
N SER D 33 -34.38 9.81 18.71
CA SER D 33 -33.04 9.71 19.26
C SER D 33 -32.03 10.22 18.26
N SER D 34 -30.77 10.28 18.67
CA SER D 34 -29.68 10.56 17.76
C SER D 34 -28.86 9.28 17.68
N ILE D 35 -28.57 8.82 16.47
CA ILE D 35 -27.85 7.57 16.31
C ILE D 35 -26.39 7.82 15.94
N HIS D 36 -25.49 7.01 16.50
CA HIS D 36 -24.08 7.12 16.19
C HIS D 36 -23.53 5.77 15.80
N TRP D 37 -22.52 5.79 14.95
CA TRP D 37 -21.70 4.61 14.72
C TRP D 37 -20.35 4.85 15.36
N VAL D 38 -19.80 3.81 15.96
CA VAL D 38 -18.53 3.90 16.64
C VAL D 38 -17.79 2.63 16.31
N ARG D 39 -16.51 2.74 15.99
CA ARG D 39 -15.74 1.55 15.62
C ARG D 39 -14.52 1.32 16.48
N GLN D 40 -14.07 0.06 16.51
CA GLN D 40 -12.94 -0.32 17.32
C GLN D 40 -12.06 -1.26 16.51
N ALA D 41 -10.89 -0.78 16.10
CA ALA D 41 -9.98 -1.62 15.34
C ALA D 41 -9.34 -2.65 16.27
N PRO D 42 -8.99 -3.81 15.72
CA PRO D 42 -8.36 -4.87 16.51
C PRO D 42 -7.28 -4.34 17.44
N GLY D 43 -7.50 -4.47 18.75
CA GLY D 43 -6.55 -4.01 19.74
C GLY D 43 -6.36 -2.50 19.78
N LYS D 44 -7.42 -1.77 19.45
CA LYS D 44 -7.37 -0.31 19.52
C LYS D 44 -8.52 0.22 20.35
N GLY D 45 -8.54 1.53 20.56
CA GLY D 45 -9.60 2.17 21.33
C GLY D 45 -10.86 2.39 20.53
N LEU D 46 -11.88 2.92 21.17
CA LEU D 46 -13.12 3.24 20.48
C LEU D 46 -12.90 4.46 19.61
N GLU D 47 -13.48 4.47 18.42
CA GLU D 47 -13.37 5.65 17.58
C GLU D 47 -14.74 6.07 17.07
N TRP D 48 -15.16 7.28 17.43
CA TRP D 48 -16.44 7.80 16.97
C TRP D 48 -16.34 8.08 15.48
N VAL D 49 -17.29 7.60 14.71
CA VAL D 49 -17.20 7.76 13.26
C VAL D 49 -18.27 8.64 12.62
N ALA D 50 -19.54 8.50 13.02
CA ALA D 50 -20.61 9.33 12.45
C ALA D 50 -21.88 9.38 13.30
N SER D 51 -22.79 10.30 12.98
CA SER D 51 -24.04 10.42 13.73
C SER D 51 -25.13 11.11 12.93
N ILE D 52 -26.40 10.85 13.31
CA ILE D 52 -27.55 11.53 12.71
C ILE D 52 -28.41 12.17 13.78
N SER D 53 -29.01 13.33 13.49
CA SER D 53 -29.77 14.03 14.51
C SER D 53 -31.26 13.96 14.30
N PRO D 54 -32.02 13.79 15.39
CA PRO D 54 -33.47 13.72 15.29
C PRO D 54 -34.02 15.02 14.73
N TYR D 55 -35.20 14.94 14.14
CA TYR D 55 -35.92 16.12 13.67
C TYR D 55 -35.27 16.84 12.50
N SER D 56 -34.01 17.24 12.65
CA SER D 56 -33.33 17.93 11.56
C SER D 56 -32.77 16.95 10.56
N GLY D 57 -32.36 15.78 11.05
CA GLY D 57 -31.70 14.78 10.22
C GLY D 57 -30.32 15.26 9.80
N SER D 58 -29.75 16.18 10.56
CA SER D 58 -28.42 16.66 10.28
C SER D 58 -27.46 15.51 10.31
N THR D 59 -26.32 15.67 9.66
CA THR D 59 -25.36 14.60 9.57
C THR D 59 -24.01 15.08 10.09
N TYR D 60 -23.22 14.15 10.64
CA TYR D 60 -21.91 14.50 11.21
C TYR D 60 -20.94 13.34 11.08
N TYR D 61 -19.72 13.62 10.60
CA TYR D 61 -18.72 12.57 10.39
C TYR D 61 -17.37 12.91 11.00
N ALA D 62 -16.52 11.90 11.14
CA ALA D 62 -15.18 12.12 11.66
C ALA D 62 -14.17 12.32 10.53
N ASP D 63 -13.21 13.22 10.74
CA ASP D 63 -12.23 13.53 9.72
C ASP D 63 -11.82 12.28 8.95
N SER D 64 -11.40 11.25 9.69
CA SER D 64 -10.81 10.05 9.10
C SER D 64 -11.76 9.33 8.16
N VAL D 65 -13.05 9.66 8.22
CA VAL D 65 -14.04 8.92 7.46
C VAL D 65 -14.97 9.85 6.68
N LYS D 66 -14.79 11.16 6.86
CA LYS D 66 -15.61 12.14 6.16
C LYS D 66 -15.44 12.05 4.65
N GLY D 67 -16.55 12.03 3.93
CA GLY D 67 -16.52 12.00 2.48
C GLY D 67 -16.70 10.62 1.90
N ARG D 68 -16.20 9.61 2.60
CA ARG D 68 -16.26 8.24 2.10
C ARG D 68 -17.46 7.48 2.66
N PHE D 69 -17.94 7.92 3.82
CA PHE D 69 -19.10 7.30 4.45
C PHE D 69 -20.30 8.23 4.46
N THR D 70 -21.49 7.64 4.52
CA THR D 70 -22.73 8.37 4.71
C THR D 70 -23.66 7.62 5.67
N ILE D 71 -24.16 8.32 6.69
CA ILE D 71 -25.11 7.73 7.62
C ILE D 71 -26.50 8.25 7.30
N SER D 72 -27.52 7.41 7.57
CA SER D 72 -28.90 7.80 7.32
C SER D 72 -29.86 6.86 8.05
N ALA D 73 -31.15 7.20 8.02
CA ALA D 73 -32.14 6.39 8.72
C ALA D 73 -33.45 6.29 7.94
N ASP D 74 -34.05 5.10 7.96
CA ASP D 74 -35.37 4.90 7.39
C ASP D 74 -36.40 4.77 8.50
N THR D 75 -37.13 5.85 8.76
CA THR D 75 -38.21 5.79 9.73
C THR D 75 -39.09 4.57 9.51
N SER D 76 -39.61 4.40 8.29
CA SER D 76 -40.48 3.27 7.98
C SER D 76 -39.95 1.96 8.55
N LYS D 77 -38.68 1.69 8.30
CA LYS D 77 -38.07 0.44 8.73
C LYS D 77 -37.46 0.55 10.14
N ASN D 78 -37.53 1.73 10.75
CA ASN D 78 -36.92 1.98 12.05
C ASN D 78 -35.47 1.49 12.11
N THR D 79 -34.72 1.79 11.05
CA THR D 79 -33.35 1.31 10.93
C THR D 79 -32.39 2.44 10.59
N ALA D 80 -31.13 2.24 10.94
CA ALA D 80 -30.07 3.17 10.54
C ALA D 80 -29.03 2.45 9.69
N TYR D 81 -28.52 3.15 8.70
CA TYR D 81 -27.53 2.57 7.80
C TYR D 81 -26.25 3.38 7.82
N LEU D 82 -25.16 2.72 7.46
CA LEU D 82 -23.91 3.40 7.21
C LEU D 82 -23.40 2.96 5.86
N GLN D 83 -23.37 3.89 4.90
CA GLN D 83 -22.81 3.56 3.60
C GLN D 83 -21.31 3.80 3.65
N MET D 84 -20.55 2.74 3.37
CA MET D 84 -19.11 2.82 3.44
C MET D 84 -18.50 2.63 2.05
N ASN D 85 -17.98 3.72 1.48
CA ASN D 85 -17.34 3.65 0.18
C ASN D 85 -15.84 3.87 0.24
N SER D 86 -15.12 3.33 -0.74
CA SER D 86 -13.69 3.53 -0.82
C SER D 86 -13.02 2.99 0.43
N LEU D 87 -13.41 1.79 0.84
CA LEU D 87 -12.86 1.18 2.03
C LEU D 87 -11.36 0.89 1.86
N ARG D 88 -10.61 1.02 2.96
CA ARG D 88 -9.20 0.69 2.96
C ARG D 88 -8.88 -0.13 4.20
N ALA D 89 -7.97 -1.10 4.06
CA ALA D 89 -7.60 -2.00 5.17
C ALA D 89 -7.56 -1.23 6.49
N GLU D 90 -7.01 -0.03 6.43
CA GLU D 90 -7.06 0.91 7.51
C GLU D 90 -8.44 0.92 8.22
N ASP D 91 -9.50 0.67 7.47
CA ASP D 91 -10.87 0.71 8.01
C ASP D 91 -11.33 -0.58 8.69
N THR D 92 -10.52 -1.62 8.66
CA THR D 92 -10.93 -2.87 9.26
C THR D 92 -11.25 -2.64 10.73
N ALA D 93 -12.40 -3.13 11.18
CA ALA D 93 -12.79 -2.91 12.57
C ALA D 93 -14.13 -3.56 12.92
N VAL D 94 -14.51 -3.41 14.18
CA VAL D 94 -15.84 -3.78 14.63
C VAL D 94 -16.67 -2.51 14.70
N TYR D 95 -17.85 -2.55 14.10
CA TYR D 95 -18.71 -1.38 14.02
C TYR D 95 -19.95 -1.54 14.90
N TYR D 96 -20.06 -0.68 15.92
CA TYR D 96 -21.26 -0.64 16.75
C TYR D 96 -22.12 0.55 16.35
N CYS D 97 -23.45 0.39 16.34
CA CYS D 97 -24.30 1.56 16.40
C CYS D 97 -24.73 1.73 17.84
N ALA D 98 -24.95 2.98 18.25
CA ALA D 98 -25.28 3.29 19.62
C ALA D 98 -26.28 4.41 19.58
N ARG D 99 -27.23 4.41 20.50
CA ARG D 99 -28.17 5.51 20.52
C ARG D 99 -27.89 6.47 21.66
N GLN D 100 -28.16 7.75 21.43
CA GLN D 100 -28.05 8.75 22.46
C GLN D 100 -29.23 8.73 23.40
N GLY D 101 -28.93 8.81 24.70
CA GLY D 101 -29.97 8.77 25.69
C GLY D 101 -30.89 9.96 25.53
N TYR D 102 -31.97 9.96 26.32
CA TYR D 102 -32.85 11.11 26.38
C TYR D 102 -32.23 12.18 27.28
N ARG D 103 -32.21 13.41 26.79
CA ARG D 103 -31.55 14.51 27.48
C ARG D 103 -31.81 14.44 28.97
N ARG D 104 -33.08 14.25 29.33
CA ARG D 104 -33.49 14.24 30.73
C ARG D 104 -32.99 13.03 31.50
N ARG D 105 -32.85 11.91 30.81
CA ARG D 105 -32.55 10.64 31.48
C ARG D 105 -31.06 10.32 31.57
N SER D 106 -30.30 10.67 30.54
CA SER D 106 -28.90 10.29 30.48
C SER D 106 -28.08 11.31 29.72
N GLY D 107 -28.45 12.57 29.79
CA GLY D 107 -27.77 13.62 29.05
C GLY D 107 -27.43 13.19 27.63
N ARG D 108 -26.18 13.38 27.23
CA ARG D 108 -25.77 13.03 25.88
C ARG D 108 -24.99 11.72 25.87
N GLY D 109 -25.19 10.91 26.90
CA GLY D 109 -24.49 9.63 26.98
C GLY D 109 -25.12 8.63 26.03
N PHE D 110 -24.28 7.78 25.43
CA PHE D 110 -24.72 6.67 24.59
C PHE D 110 -25.20 5.53 25.49
N ASP D 111 -26.50 5.43 25.72
CA ASP D 111 -27.02 4.47 26.68
C ASP D 111 -27.19 3.05 26.16
N TYR D 112 -27.47 2.90 24.87
CA TYR D 112 -27.67 1.56 24.30
C TYR D 112 -26.76 1.27 23.11
N TRP D 113 -26.14 0.10 23.12
CA TRP D 113 -25.21 -0.27 22.06
C TRP D 113 -25.58 -1.57 21.33
N GLY D 114 -25.15 -1.68 20.08
CA GLY D 114 -25.32 -2.92 19.33
C GLY D 114 -24.27 -3.94 19.72
N GLN D 115 -24.47 -5.18 19.31
CA GLN D 115 -23.48 -6.23 19.58
C GLN D 115 -22.26 -5.98 18.72
N GLY D 116 -22.47 -5.33 17.58
CA GLY D 116 -21.39 -4.96 16.67
C GLY D 116 -21.27 -5.91 15.51
N THR D 117 -20.95 -5.39 14.33
CA THR D 117 -20.63 -6.24 13.19
C THR D 117 -19.17 -6.08 12.84
N LEU D 118 -18.56 -7.13 12.32
CA LEU D 118 -17.14 -7.10 11.97
C LEU D 118 -16.98 -6.79 10.49
N VAL D 119 -16.20 -5.77 10.19
CA VAL D 119 -15.90 -5.38 8.82
C VAL D 119 -14.42 -5.63 8.52
N THR D 120 -14.14 -6.66 7.74
CA THR D 120 -12.76 -6.99 7.36
C THR D 120 -12.44 -6.50 5.95
N VAL D 121 -11.46 -5.61 5.84
CA VAL D 121 -11.14 -4.99 4.56
C VAL D 121 -9.85 -5.53 3.97
N SER D 122 -9.87 -6.75 3.45
CA SER D 122 -8.65 -7.32 2.90
C SER D 122 -8.80 -7.67 1.42
N SER D 123 -7.67 -7.77 0.73
CA SER D 123 -7.69 -8.22 -0.65
C SER D 123 -6.98 -9.56 -0.76
N ALA D 124 -6.88 -10.27 0.36
CA ALA D 124 -6.27 -11.59 0.37
C ALA D 124 -7.34 -12.68 0.32
N SER D 125 -6.92 -13.90 0.00
CA SER D 125 -7.86 -15.00 -0.22
C SER D 125 -7.81 -16.00 0.93
N THR D 126 -8.92 -16.71 1.14
CA THR D 126 -9.03 -17.73 2.18
C THR D 126 -7.98 -18.83 2.01
N LYS D 127 -7.13 -18.99 3.02
CA LYS D 127 -6.08 -20.00 2.98
C LYS D 127 -5.99 -20.77 4.30
N GLY D 128 -5.82 -22.08 4.21
CA GLY D 128 -5.58 -22.89 5.40
C GLY D 128 -4.19 -22.59 5.95
N PRO D 129 -3.99 -22.83 7.25
CA PRO D 129 -2.73 -22.47 7.88
C PRO D 129 -1.65 -23.53 7.69
N SER D 130 -0.39 -23.08 7.63
CA SER D 130 0.74 -23.99 7.77
C SER D 130 0.95 -24.18 9.25
N VAL D 131 1.45 -25.34 9.65
CA VAL D 131 1.66 -25.62 11.06
C VAL D 131 3.03 -26.22 11.33
N PHE D 132 3.92 -25.42 11.90
CA PHE D 132 5.27 -25.88 12.18
C PHE D 132 5.46 -26.11 13.66
N PRO D 133 6.24 -27.13 14.03
CA PRO D 133 6.50 -27.42 15.42
C PRO D 133 7.56 -26.48 15.98
N LEU D 134 7.39 -26.06 17.22
CA LEU D 134 8.43 -25.33 17.94
C LEU D 134 9.15 -26.31 18.85
N ALA D 135 10.09 -27.06 18.27
CA ALA D 135 10.78 -28.12 19.01
C ALA D 135 11.40 -27.64 20.31
N PRO D 136 11.17 -28.40 21.40
CA PRO D 136 11.72 -28.16 22.73
C PRO D 136 13.22 -28.44 22.79
N SER D 137 14.04 -27.46 22.46
CA SER D 137 15.48 -27.69 22.48
C SER D 137 16.05 -27.48 23.88
N SER D 138 17.36 -27.49 23.99
CA SER D 138 18.02 -27.20 25.25
C SER D 138 18.04 -25.70 25.43
N LYS D 139 17.47 -24.98 24.48
CA LYS D 139 17.45 -23.52 24.53
C LYS D 139 16.02 -23.02 24.69
N SER D 140 15.16 -23.94 25.12
CA SER D 140 13.77 -23.67 25.39
C SER D 140 13.43 -24.39 26.68
N THR D 141 14.40 -24.42 27.58
CA THR D 141 14.30 -25.20 28.79
C THR D 141 14.80 -24.42 29.99
N SER D 142 14.09 -24.52 31.11
CA SER D 142 14.56 -23.94 32.36
C SER D 142 14.18 -24.81 33.54
N GLY D 143 15.15 -25.11 34.40
CA GLY D 143 14.89 -25.94 35.57
C GLY D 143 14.49 -27.34 35.14
N GLY D 144 13.41 -27.86 35.73
CA GLY D 144 12.90 -29.15 35.31
C GLY D 144 11.81 -28.99 34.28
N THR D 145 11.75 -27.80 33.69
CA THR D 145 10.70 -27.44 32.76
C THR D 145 11.22 -27.10 31.37
N ALA D 146 10.47 -27.51 30.36
CA ALA D 146 10.81 -27.18 28.98
C ALA D 146 9.57 -26.74 28.24
N ALA D 147 9.69 -25.67 27.46
CA ALA D 147 8.56 -25.16 26.70
C ALA D 147 8.58 -25.76 25.31
N LEU D 148 7.42 -25.81 24.67
CA LEU D 148 7.31 -26.26 23.30
C LEU D 148 5.98 -25.78 22.76
N GLY D 149 5.72 -26.03 21.48
CA GLY D 149 4.50 -25.55 20.86
C GLY D 149 4.65 -25.52 19.36
N CYS D 150 3.58 -25.13 18.67
CA CYS D 150 3.62 -25.09 17.20
C CYS D 150 3.22 -23.73 16.63
N LEU D 151 3.95 -23.31 15.62
CA LEU D 151 3.70 -22.05 14.93
C LEU D 151 2.63 -22.23 13.86
N VAL D 152 1.58 -21.43 13.95
CA VAL D 152 0.49 -21.49 12.97
C VAL D 152 0.56 -20.29 12.04
N LYS D 153 1.21 -20.47 10.89
CA LYS D 153 1.51 -19.33 10.03
C LYS D 153 0.66 -19.23 8.75
N ASP D 154 0.52 -18.00 8.26
CA ASP D 154 -0.08 -17.72 6.95
C ASP D 154 -1.46 -18.35 6.71
N TYR D 155 -2.48 -17.79 7.35
CA TYR D 155 -3.84 -18.24 7.13
C TYR D 155 -4.77 -17.04 7.12
N PHE D 156 -6.02 -17.26 6.70
CA PHE D 156 -6.99 -16.18 6.56
C PHE D 156 -8.31 -16.72 6.07
N PRO D 157 -9.42 -16.27 6.67
CA PRO D 157 -9.52 -15.35 7.80
C PRO D 157 -9.45 -16.03 9.16
N GLU D 158 -9.64 -15.25 10.21
CA GLU D 158 -9.76 -15.79 11.55
C GLU D 158 -11.13 -16.42 11.67
N PRO D 159 -11.33 -17.25 12.69
CA PRO D 159 -10.31 -17.52 13.68
C PRO D 159 -9.65 -18.87 13.47
N VAL D 160 -8.80 -19.25 14.40
CA VAL D 160 -8.25 -20.60 14.43
C VAL D 160 -8.26 -21.12 15.85
N THR D 161 -8.65 -22.37 16.00
CA THR D 161 -8.66 -22.99 17.32
C THR D 161 -7.49 -23.92 17.43
N VAL D 162 -6.93 -24.03 18.62
CA VAL D 162 -5.82 -24.93 18.86
C VAL D 162 -6.02 -25.69 20.15
N SER D 163 -5.59 -26.94 20.18
CA SER D 163 -5.66 -27.72 21.39
C SER D 163 -4.46 -28.64 21.45
N TRP D 164 -4.24 -29.26 22.61
CA TRP D 164 -3.14 -30.17 22.76
C TRP D 164 -3.62 -31.55 23.18
N ASN D 165 -3.24 -32.56 22.41
CA ASN D 165 -3.65 -33.93 22.68
C ASN D 165 -5.17 -34.03 22.77
N SER D 166 -5.84 -33.60 21.71
CA SER D 166 -7.30 -33.65 21.65
C SER D 166 -7.97 -32.75 22.67
N GLY D 167 -7.19 -32.24 23.62
CA GLY D 167 -7.74 -31.36 24.65
C GLY D 167 -7.59 -31.92 26.05
N ALA D 168 -6.79 -32.98 26.18
CA ALA D 168 -6.53 -33.57 27.48
C ALA D 168 -5.45 -32.77 28.21
N LEU D 169 -4.69 -31.97 27.45
CA LEU D 169 -3.62 -31.15 28.00
C LEU D 169 -3.98 -29.68 27.92
N THR D 170 -4.21 -29.05 29.08
CA THR D 170 -4.61 -27.65 29.12
C THR D 170 -3.82 -26.84 30.14
N SER D 171 -3.16 -27.53 31.06
CA SER D 171 -2.33 -26.86 32.06
C SER D 171 -1.12 -26.24 31.41
N GLY D 172 -0.96 -24.93 31.61
CA GLY D 172 0.23 -24.23 31.14
C GLY D 172 0.27 -23.99 29.64
N VAL D 173 -0.89 -24.11 29.00
CA VAL D 173 -1.02 -23.83 27.59
C VAL D 173 -1.32 -22.35 27.39
N HIS D 174 -0.51 -21.68 26.57
CA HIS D 174 -0.81 -20.31 26.19
C HIS D 174 -0.95 -20.25 24.67
N THR D 175 -2.11 -19.79 24.19
CA THR D 175 -2.29 -19.59 22.77
C THR D 175 -2.40 -18.11 22.49
N PHE D 176 -1.46 -17.54 21.75
CA PHE D 176 -1.41 -16.11 21.57
C PHE D 176 -2.44 -15.59 20.57
N PRO D 177 -2.92 -14.36 20.79
CA PRO D 177 -3.77 -13.68 19.84
C PRO D 177 -3.14 -13.68 18.46
N ALA D 178 -3.96 -13.85 17.44
CA ALA D 178 -3.46 -13.81 16.07
C ALA D 178 -2.79 -12.47 15.78
N VAL D 179 -1.92 -12.45 14.79
CA VAL D 179 -1.22 -11.24 14.41
C VAL D 179 -1.24 -11.08 12.91
N LEU D 180 -1.78 -9.95 12.44
CA LEU D 180 -1.86 -9.71 11.00
C LEU D 180 -0.48 -9.39 10.43
N GLN D 181 0.06 -10.31 9.64
CA GLN D 181 1.34 -10.09 9.01
C GLN D 181 1.23 -9.04 7.92
N SER D 182 2.37 -8.65 7.37
CA SER D 182 2.39 -7.67 6.28
C SER D 182 2.12 -8.38 4.96
N SER D 183 2.36 -9.69 4.94
CA SER D 183 1.98 -10.51 3.81
C SER D 183 0.48 -10.38 3.58
N GLY D 184 -0.25 -10.03 4.63
CA GLY D 184 -1.69 -9.90 4.55
C GLY D 184 -2.38 -11.04 5.27
N LEU D 185 -1.68 -12.15 5.45
CA LEU D 185 -2.22 -13.33 6.14
C LEU D 185 -1.95 -13.25 7.62
N TYR D 186 -2.61 -14.11 8.38
CA TYR D 186 -2.44 -14.12 9.84
C TYR D 186 -1.33 -15.04 10.33
N SER D 187 -1.14 -15.03 11.64
CA SER D 187 -0.14 -15.87 12.27
C SER D 187 -0.31 -15.85 13.78
N LEU D 188 -0.03 -16.97 14.41
CA LEU D 188 -0.03 -17.09 15.85
C LEU D 188 0.58 -18.43 16.21
N SER D 189 0.99 -18.58 17.46
CA SER D 189 1.53 -19.85 17.94
C SER D 189 0.95 -20.17 19.30
N SER D 190 0.80 -21.46 19.57
CA SER D 190 0.36 -21.90 20.87
C SER D 190 1.54 -22.57 21.55
N VAL D 191 1.74 -22.29 22.83
CA VAL D 191 2.83 -22.91 23.53
C VAL D 191 2.37 -23.55 24.82
N VAL D 192 3.21 -24.40 25.37
CA VAL D 192 2.89 -25.12 26.59
C VAL D 192 4.21 -25.45 27.28
N THR D 193 4.16 -25.65 28.59
CA THR D 193 5.35 -25.97 29.34
C THR D 193 5.10 -27.29 30.04
N VAL D 194 6.15 -28.09 30.17
CA VAL D 194 6.01 -29.42 30.72
C VAL D 194 7.29 -29.92 31.35
N PRO D 195 7.20 -30.95 32.20
CA PRO D 195 8.36 -31.52 32.87
C PRO D 195 9.37 -32.07 31.87
N SER D 196 10.61 -31.61 31.98
CA SER D 196 11.68 -32.05 31.09
C SER D 196 11.72 -33.58 31.00
N SER D 197 11.54 -34.24 32.13
CA SER D 197 11.56 -35.70 32.19
C SER D 197 10.58 -36.36 31.22
N SER D 198 9.37 -35.82 31.13
CA SER D 198 8.33 -36.43 30.31
C SER D 198 8.65 -36.41 28.82
N LEU D 199 9.56 -35.54 28.39
CA LEU D 199 9.85 -35.38 26.97
C LEU D 199 10.08 -36.70 26.24
N GLY D 200 10.75 -37.64 26.90
CA GLY D 200 11.12 -38.91 26.27
C GLY D 200 9.99 -39.92 26.26
N THR D 201 9.12 -39.85 27.25
CA THR D 201 8.03 -40.81 27.38
C THR D 201 6.71 -40.30 26.79
N GLN D 202 6.40 -39.04 27.03
CA GLN D 202 5.10 -38.46 26.67
C GLN D 202 5.02 -37.84 25.26
N THR D 203 3.87 -38.02 24.62
CA THR D 203 3.63 -37.45 23.29
C THR D 203 2.92 -36.10 23.33
N TYR D 204 3.26 -35.24 22.39
CA TYR D 204 2.63 -33.93 22.30
C TYR D 204 2.25 -33.58 20.88
N ILE D 205 0.96 -33.31 20.68
CA ILE D 205 0.41 -33.05 19.36
C ILE D 205 -0.57 -31.89 19.45
N CYS D 206 -0.37 -30.87 18.63
CA CYS D 206 -1.27 -29.73 18.64
C CYS D 206 -2.28 -29.80 17.51
N ASN D 207 -3.54 -29.98 17.90
CA ASN D 207 -4.66 -30.03 16.97
C ASN D 207 -5.05 -28.63 16.55
N VAL D 208 -5.05 -28.38 15.24
CA VAL D 208 -5.33 -27.05 14.73
C VAL D 208 -6.55 -27.01 13.80
N ASN D 209 -7.61 -26.35 14.26
CA ASN D 209 -8.81 -26.20 13.45
C ASN D 209 -8.85 -24.86 12.73
N HIS D 210 -9.43 -24.86 11.54
CA HIS D 210 -9.65 -23.63 10.78
C HIS D 210 -10.89 -23.85 9.92
N LYS D 211 -12.05 -23.51 10.47
CA LYS D 211 -13.31 -23.74 9.79
C LYS D 211 -13.34 -23.06 8.41
N PRO D 212 -13.10 -21.74 8.39
CA PRO D 212 -13.17 -20.94 7.16
C PRO D 212 -12.57 -21.66 5.94
N SER D 213 -11.66 -22.59 6.18
CA SER D 213 -11.05 -23.33 5.07
C SER D 213 -11.22 -24.83 5.23
N ASN D 214 -12.15 -25.23 6.08
CA ASN D 214 -12.40 -26.64 6.33
C ASN D 214 -11.10 -27.40 6.50
N THR D 215 -10.05 -26.68 6.92
CA THR D 215 -8.76 -27.30 7.15
C THR D 215 -8.64 -27.80 8.58
N LYS D 216 -7.91 -28.90 8.75
CA LYS D 216 -7.73 -29.52 10.06
C LYS D 216 -6.38 -30.24 10.13
N VAL D 217 -5.42 -29.65 10.83
CA VAL D 217 -4.07 -30.22 10.90
C VAL D 217 -3.70 -30.66 12.31
N ASP D 218 -2.80 -31.64 12.40
CA ASP D 218 -2.32 -32.11 13.69
C ASP D 218 -0.83 -32.42 13.61
N LYS D 219 -0.01 -31.43 13.93
CA LYS D 219 1.43 -31.62 13.91
C LYS D 219 1.89 -32.17 15.26
N LYS D 220 2.81 -33.13 15.22
CA LYS D 220 3.41 -33.67 16.44
C LYS D 220 4.71 -32.95 16.76
N VAL D 221 4.68 -32.13 17.81
CA VAL D 221 5.86 -31.43 18.23
C VAL D 221 6.78 -32.42 18.92
N GLU D 222 8.07 -32.32 18.65
CA GLU D 222 9.03 -33.29 19.16
C GLU D 222 10.46 -32.78 19.11
N PRO D 223 11.27 -33.13 20.11
CA PRO D 223 12.65 -32.63 20.17
C PRO D 223 13.39 -32.96 18.89
N LYS D 224 14.04 -31.96 18.29
CA LYS D 224 14.81 -32.18 17.05
C LYS D 224 16.15 -32.83 17.35
#